data_313D
# 
_entry.id   313D 
# 
_audit_conform.dict_name       mmcif_pdbx.dic 
_audit_conform.dict_version    5.387 
_audit_conform.dict_location   http://mmcif.pdb.org/dictionaries/ascii/mmcif_pdbx.dic 
# 
loop_
_database_2.database_id 
_database_2.database_code 
_database_2.pdbx_database_accession 
_database_2.pdbx_DOI 
PDB   313D         pdb_0000313d 10.2210/pdb313d/pdb 
RCSB  ZDGB55       ?            ?                   
WWPDB D_1000178781 ?            ?                   
# 
loop_
_pdbx_audit_revision_history.ordinal 
_pdbx_audit_revision_history.data_content_type 
_pdbx_audit_revision_history.major_revision 
_pdbx_audit_revision_history.minor_revision 
_pdbx_audit_revision_history.revision_date 
1 'Structure model' 1 0 1997-08-05 
2 'Structure model' 1 1 2008-05-22 
3 'Structure model' 1 2 2011-07-13 
4 'Structure model' 1 3 2024-02-21 
# 
_pdbx_audit_revision_details.ordinal             1 
_pdbx_audit_revision_details.revision_ordinal    1 
_pdbx_audit_revision_details.data_content_type   'Structure model' 
_pdbx_audit_revision_details.provider            repository 
_pdbx_audit_revision_details.type                'Initial release' 
_pdbx_audit_revision_details.description         ? 
_pdbx_audit_revision_details.details             ? 
# 
loop_
_pdbx_audit_revision_group.ordinal 
_pdbx_audit_revision_group.revision_ordinal 
_pdbx_audit_revision_group.data_content_type 
_pdbx_audit_revision_group.group 
1 2 'Structure model' 'Version format compliance' 
2 3 'Structure model' 'Version format compliance' 
3 4 'Structure model' 'Data collection'           
4 4 'Structure model' 'Database references'       
5 4 'Structure model' 'Derived calculations'      
# 
loop_
_pdbx_audit_revision_category.ordinal 
_pdbx_audit_revision_category.revision_ordinal 
_pdbx_audit_revision_category.data_content_type 
_pdbx_audit_revision_category.category 
1 4 'Structure model' chem_comp_atom         
2 4 'Structure model' chem_comp_bond         
3 4 'Structure model' database_2             
4 4 'Structure model' pdbx_struct_conn_angle 
5 4 'Structure model' struct_conn            
6 4 'Structure model' struct_conn_type       
7 4 'Structure model' struct_site            
# 
loop_
_pdbx_audit_revision_item.ordinal 
_pdbx_audit_revision_item.revision_ordinal 
_pdbx_audit_revision_item.data_content_type 
_pdbx_audit_revision_item.item 
1  4 'Structure model' '_database_2.pdbx_DOI'                      
2  4 'Structure model' '_database_2.pdbx_database_accession'       
3  4 'Structure model' '_pdbx_struct_conn_angle.ptnr1_auth_seq_id' 
4  4 'Structure model' '_pdbx_struct_conn_angle.ptnr3_auth_seq_id' 
5  4 'Structure model' '_pdbx_struct_conn_angle.value'             
6  4 'Structure model' '_struct_conn.conn_type_id'                 
7  4 'Structure model' '_struct_conn.id'                           
8  4 'Structure model' '_struct_conn.pdbx_dist_value'              
9  4 'Structure model' '_struct_conn.pdbx_leaving_atom_flag'       
10 4 'Structure model' '_struct_conn.ptnr1_auth_asym_id'           
11 4 'Structure model' '_struct_conn.ptnr1_auth_comp_id'           
12 4 'Structure model' '_struct_conn.ptnr1_auth_seq_id'            
13 4 'Structure model' '_struct_conn.ptnr1_label_asym_id'          
14 4 'Structure model' '_struct_conn.ptnr1_label_atom_id'          
15 4 'Structure model' '_struct_conn.ptnr1_label_comp_id'          
16 4 'Structure model' '_struct_conn.ptnr1_label_seq_id'           
17 4 'Structure model' '_struct_conn.ptnr2_auth_asym_id'           
18 4 'Structure model' '_struct_conn.ptnr2_auth_comp_id'           
19 4 'Structure model' '_struct_conn.ptnr2_auth_seq_id'            
20 4 'Structure model' '_struct_conn.ptnr2_label_asym_id'          
21 4 'Structure model' '_struct_conn.ptnr2_label_atom_id'          
22 4 'Structure model' '_struct_conn.ptnr2_label_comp_id'          
23 4 'Structure model' '_struct_conn.ptnr2_label_seq_id'           
24 4 'Structure model' '_struct_conn_type.id'                      
25 4 'Structure model' '_struct_site.pdbx_auth_asym_id'            
26 4 'Structure model' '_struct_site.pdbx_auth_comp_id'            
27 4 'Structure model' '_struct_site.pdbx_auth_seq_id'             
# 
_pdbx_database_status.status_code                     REL 
_pdbx_database_status.entry_id                        313D 
_pdbx_database_status.recvd_initial_deposition_date   1997-02-04 
_pdbx_database_status.deposit_site                    NDB 
_pdbx_database_status.process_site                    NDB 
_pdbx_database_status.status_code_sf                  REL 
_pdbx_database_status.status_code_mr                  ? 
_pdbx_database_status.SG_entry                        ? 
_pdbx_database_status.pdb_format_compatible           Y 
_pdbx_database_status.status_code_cs                  ? 
_pdbx_database_status.status_code_nmr_data            ? 
_pdbx_database_status.methods_development_category    ? 
# 
loop_
_audit_author.name 
_audit_author.pdbx_ordinal 
'Mooers, B.H.M.' 1 
'Eichman, B.F.'  2 
'Ho, P.S.'       3 
# 
_citation.id                        primary 
_citation.title                     
;The structures and relative stabilities of d(G x G) reverse Hoogsteen, d(G x T) reverse wobble, and d(G x C) reverse Watson-Crick base-pairs in DNA crystals.
;
_citation.journal_abbrev            J.Mol.Biol. 
_citation.journal_volume            269 
_citation.page_first                796 
_citation.page_last                 810 
_citation.year                      1997 
_citation.journal_id_ASTM           JMOBAK 
_citation.country                   UK 
_citation.journal_id_ISSN           0022-2836 
_citation.journal_id_CSD            0070 
_citation.book_publisher            ? 
_citation.pdbx_database_id_PubMed   9223642 
_citation.pdbx_database_id_DOI      10.1006/jmbi.1997.1100 
# 
loop_
_citation_author.citation_id 
_citation_author.name 
_citation_author.ordinal 
_citation_author.identifier_ORCID 
primary 'Mooers, B.H.'  1 ? 
primary 'Eichman, B.F.' 2 ? 
primary 'Ho, P.S.'      3 ? 
# 
loop_
_entity.id 
_entity.type 
_entity.src_method 
_entity.pdbx_description 
_entity.formula_weight 
_entity.pdbx_number_of_molecules 
_entity.pdbx_ec 
_entity.pdbx_mutation 
_entity.pdbx_fragment 
_entity.details 
1 polymer     syn 
;DNA (5'-D(*GP*(5CM)P*GP*CP*GP*CP*G)-3')
;
2153.438 2  ? ? ? ? 
2 non-polymer syn 'MAGNESIUM ION'                           24.305   1  ? ? ? ? 
3 non-polymer syn 'COBALT HEXAMMINE(III)'                   161.116  1  ? ? ? ? 
4 water       nat water                                     18.015   55 ? ? ? ? 
# 
_entity_poly.entity_id                      1 
_entity_poly.type                           polydeoxyribonucleotide 
_entity_poly.nstd_linkage                   no 
_entity_poly.nstd_monomer                   yes 
_entity_poly.pdbx_seq_one_letter_code       '(DG)(5CM)(DG)(DC)(DG)(DC)(DG)' 
_entity_poly.pdbx_seq_one_letter_code_can   GCGCGCG 
_entity_poly.pdbx_strand_id                 A,B 
_entity_poly.pdbx_target_identifier         ? 
# 
loop_
_pdbx_entity_nonpoly.entity_id 
_pdbx_entity_nonpoly.name 
_pdbx_entity_nonpoly.comp_id 
2 'MAGNESIUM ION'         MG  
3 'COBALT HEXAMMINE(III)' NCO 
4 water                   HOH 
# 
loop_
_entity_poly_seq.entity_id 
_entity_poly_seq.num 
_entity_poly_seq.mon_id 
_entity_poly_seq.hetero 
1 1 DG  n 
1 2 5CM n 
1 3 DG  n 
1 4 DC  n 
1 5 DG  n 
1 6 DC  n 
1 7 DG  n 
# 
loop_
_chem_comp.id 
_chem_comp.type 
_chem_comp.mon_nstd_flag 
_chem_comp.name 
_chem_comp.pdbx_synonyms 
_chem_comp.formula 
_chem_comp.formula_weight 
5CM 'DNA linking' n "5-METHYL-2'-DEOXY-CYTIDINE-5'-MONOPHOSPHATE" ? 'C10 H16 N3 O7 P' 321.224 
DC  'DNA linking' y "2'-DEOXYCYTIDINE-5'-MONOPHOSPHATE"           ? 'C9 H14 N3 O7 P'  307.197 
DG  'DNA linking' y "2'-DEOXYGUANOSINE-5'-MONOPHOSPHATE"          ? 'C10 H14 N5 O7 P' 347.221 
HOH non-polymer   . WATER                                         ? 'H2 O'            18.015  
MG  non-polymer   . 'MAGNESIUM ION'                               ? 'Mg 2'            24.305  
NCO non-polymer   . 'COBALT HEXAMMINE(III)'                       ? 'Co H18 N6 3'     161.116 
# 
loop_
_pdbx_poly_seq_scheme.asym_id 
_pdbx_poly_seq_scheme.entity_id 
_pdbx_poly_seq_scheme.seq_id 
_pdbx_poly_seq_scheme.mon_id 
_pdbx_poly_seq_scheme.ndb_seq_num 
_pdbx_poly_seq_scheme.pdb_seq_num 
_pdbx_poly_seq_scheme.auth_seq_num 
_pdbx_poly_seq_scheme.pdb_mon_id 
_pdbx_poly_seq_scheme.auth_mon_id 
_pdbx_poly_seq_scheme.pdb_strand_id 
_pdbx_poly_seq_scheme.pdb_ins_code 
_pdbx_poly_seq_scheme.hetero 
A 1 1 DG  1 1  1  DG  G  A . n 
A 1 2 5CM 2 2  2  5CM +C A . n 
A 1 3 DG  3 3  3  DG  G  A . n 
A 1 4 DC  4 4  4  DC  C  A . n 
A 1 5 DG  5 5  5  DG  G  A . n 
A 1 6 DC  6 6  6  DC  C  A . n 
A 1 7 DG  7 7  7  DG  G  A . n 
B 1 1 DG  1 8  8  DG  G  B . n 
B 1 2 5CM 2 9  9  5CM +C B . n 
B 1 3 DG  3 10 10 DG  G  B . n 
B 1 4 DC  4 11 11 DC  C  B . n 
B 1 5 DG  5 12 12 DG  G  B . n 
B 1 6 DC  6 13 13 DC  C  B . n 
B 1 7 DG  7 14 14 DG  G  B . n 
# 
loop_
_pdbx_nonpoly_scheme.asym_id 
_pdbx_nonpoly_scheme.entity_id 
_pdbx_nonpoly_scheme.mon_id 
_pdbx_nonpoly_scheme.ndb_seq_num 
_pdbx_nonpoly_scheme.pdb_seq_num 
_pdbx_nonpoly_scheme.auth_seq_num 
_pdbx_nonpoly_scheme.pdb_mon_id 
_pdbx_nonpoly_scheme.auth_mon_id 
_pdbx_nonpoly_scheme.pdb_strand_id 
_pdbx_nonpoly_scheme.pdb_ins_code 
C 2 MG  1  16 16 MG  MO6 A . 
D 3 NCO 1  15 15 NCO NCO A . 
E 4 HOH 1  17 17 HOH HOH A . 
E 4 HOH 2  21 21 HOH HOH A . 
E 4 HOH 3  23 23 HOH HOH A . 
E 4 HOH 4  25 25 HOH HOH A . 
E 4 HOH 5  28 28 HOH HOH A . 
E 4 HOH 6  29 29 HOH HOH A . 
E 4 HOH 7  31 31 HOH HOH A . 
E 4 HOH 8  32 32 HOH HOH A . 
E 4 HOH 9  37 37 HOH HOH A . 
E 4 HOH 10 38 38 HOH HOH A . 
E 4 HOH 11 39 39 HOH HOH A . 
E 4 HOH 12 40 40 HOH HOH A . 
E 4 HOH 13 44 44 HOH HOH A . 
E 4 HOH 14 46 46 HOH HOH A . 
E 4 HOH 15 48 48 HOH HOH A . 
E 4 HOH 16 50 50 HOH HOH A . 
E 4 HOH 17 52 52 HOH HOH A . 
E 4 HOH 18 53 53 HOH HOH A . 
E 4 HOH 19 56 56 HOH HOH A . 
E 4 HOH 20 57 57 HOH HOH A . 
E 4 HOH 21 59 59 HOH HOH A . 
E 4 HOH 22 61 61 HOH HOH A . 
E 4 HOH 23 62 62 HOH HOH A . 
E 4 HOH 24 64 64 HOH HOH A . 
E 4 HOH 25 65 65 HOH HOH A . 
E 4 HOH 26 66 16 HOH MO6 A . 
E 4 HOH 27 67 16 HOH MO6 A . 
E 4 HOH 28 68 16 HOH MO6 A . 
E 4 HOH 29 69 16 HOH MO6 A . 
E 4 HOH 30 70 16 HOH MO6 A . 
E 4 HOH 31 71 16 HOH MO6 A . 
F 4 HOH 1  18 18 HOH HOH B . 
F 4 HOH 2  19 19 HOH HOH B . 
F 4 HOH 3  20 20 HOH HOH B . 
F 4 HOH 4  22 22 HOH HOH B . 
F 4 HOH 5  24 24 HOH HOH B . 
F 4 HOH 6  26 26 HOH HOH B . 
F 4 HOH 7  27 27 HOH HOH B . 
F 4 HOH 8  30 30 HOH HOH B . 
F 4 HOH 9  33 33 HOH HOH B . 
F 4 HOH 10 34 34 HOH HOH B . 
F 4 HOH 11 35 35 HOH HOH B . 
F 4 HOH 12 36 36 HOH HOH B . 
F 4 HOH 13 41 41 HOH HOH B . 
F 4 HOH 14 42 42 HOH HOH B . 
F 4 HOH 15 43 43 HOH HOH B . 
F 4 HOH 16 45 45 HOH HOH B . 
F 4 HOH 17 47 47 HOH HOH B . 
F 4 HOH 18 49 49 HOH HOH B . 
F 4 HOH 19 51 51 HOH HOH B . 
F 4 HOH 20 54 54 HOH HOH B . 
F 4 HOH 21 55 55 HOH HOH B . 
F 4 HOH 22 58 58 HOH HOH B . 
F 4 HOH 23 60 60 HOH HOH B . 
F 4 HOH 24 63 63 HOH HOH B . 
# 
loop_
_software.name 
_software.classification 
_software.version 
_software.citation_id 
_software.pdbx_ordinal 
X-PLOR refinement       . ? 1 
SAINT  'data reduction' . ? 2 
SAINT  'data scaling'   . ? 3 
# 
_cell.entry_id           313D 
_cell.length_a           20.340 
_cell.length_b           29.620 
_cell.length_c           51.930 
_cell.angle_alpha        90.00 
_cell.angle_beta         90.00 
_cell.angle_gamma        90.00 
_cell.Z_PDB              8 
_cell.pdbx_unique_axis   ? 
# 
_symmetry.entry_id                         313D 
_symmetry.space_group_name_H-M             'P 21 21 21' 
_symmetry.pdbx_full_space_group_name_H-M   ? 
_symmetry.cell_setting                     ? 
_symmetry.Int_Tables_number                19 
# 
_exptl.entry_id          313D 
_exptl.method            'X-RAY DIFFRACTION' 
_exptl.crystals_number   1 
# 
_exptl_crystal.id                    1 
_exptl_crystal.density_meas          ? 
_exptl_crystal.density_Matthews      1.82 
_exptl_crystal.density_percent_sol   32.27 
_exptl_crystal.description           ? 
# 
_exptl_crystal_grow.crystal_id      1 
_exptl_crystal_grow.method          'VAPOR DIFFUSION, SITTING DROP' 
_exptl_crystal_grow.temp            ? 
_exptl_crystal_grow.temp_details    'ROOM TEMPERATURE' 
_exptl_crystal_grow.pH              7.00 
_exptl_crystal_grow.pdbx_details    'pH 7.00, VAPOR DIFFUSION, SITTING DROP' 
_exptl_crystal_grow.pdbx_pH_range   ? 
# 
loop_
_exptl_crystal_grow_comp.crystal_id 
_exptl_crystal_grow_comp.id 
_exptl_crystal_grow_comp.sol_id 
_exptl_crystal_grow_comp.name 
_exptl_crystal_grow_comp.volume 
_exptl_crystal_grow_comp.conc 
_exptl_crystal_grow_comp.details 
1 1 1 WATER           ? ? ? 
1 2 1 MPD             ? ? ? 
1 3 1 'NA CACODYLATE' ? ? ? 
1 4 1 MGCL2           ? ? ? 
1 5 1 '[CO(NH3)6]3+'  ? ? ? 
1 6 2 MPD             ? ? ? 
1 7 2 WATER           ? ? ? 
# 
_diffrn.id                     1 
_diffrn.ambient_temp           293.00 
_diffrn.ambient_temp_details   ? 
_diffrn.crystal_id             1 
# 
_diffrn_detector.diffrn_id              1 
_diffrn_detector.detector               'AREA DETECTOR' 
_diffrn_detector.type                   'SIEMENS HI-STAR' 
_diffrn_detector.pdbx_collection_date   1996-05-01 
_diffrn_detector.details                ? 
# 
_diffrn_radiation.diffrn_id                        1 
_diffrn_radiation.wavelength_id                    1 
_diffrn_radiation.pdbx_monochromatic_or_laue_m_l   M 
_diffrn_radiation.monochromator                    ? 
_diffrn_radiation.pdbx_diffrn_protocol             ? 
_diffrn_radiation.pdbx_scattering_type             x-ray 
# 
_diffrn_radiation_wavelength.id           1 
_diffrn_radiation_wavelength.wavelength   1.5418 
_diffrn_radiation_wavelength.wt           1.0 
# 
_diffrn_source.diffrn_id                   1 
_diffrn_source.source                      'SEALED TUBE' 
_diffrn_source.type                        ? 
_diffrn_source.pdbx_synchrotron_site       ? 
_diffrn_source.pdbx_synchrotron_beamline   ? 
_diffrn_source.pdbx_wavelength             1.5418 
_diffrn_source.pdbx_wavelength_list        ? 
# 
_reflns.entry_id                     313D 
_reflns.observed_criterion_sigma_I   2.000 
_reflns.observed_criterion_sigma_F   ? 
_reflns.d_resolution_low             ? 
_reflns.d_resolution_high            1.680 
_reflns.number_obs                   5324 
_reflns.number_all                   ? 
_reflns.percent_possible_obs         84.500 
_reflns.pdbx_Rmerge_I_obs            0.086 
_reflns.pdbx_Rsym_value              ? 
_reflns.pdbx_netI_over_sigmaI        ? 
_reflns.B_iso_Wilson_estimate        ? 
_reflns.pdbx_redundancy              2.500 
_reflns.pdbx_diffrn_id               1 
_reflns.pdbx_ordinal                 1 
# 
_refine.entry_id                                 313D 
_refine.ls_number_reflns_obs                     3538 
_refine.ls_number_reflns_all                     ? 
_refine.pdbx_ls_sigma_I                          ? 
_refine.pdbx_ls_sigma_F                          3.000 
_refine.pdbx_data_cutoff_high_absF               ? 
_refine.pdbx_data_cutoff_low_absF                ? 
_refine.pdbx_data_cutoff_high_rms_absF           ? 
_refine.ls_d_res_low                             8.000 
_refine.ls_d_res_high                            1.680 
_refine.ls_percent_reflns_obs                    ? 
_refine.ls_R_factor_obs                          0.207 
_refine.ls_R_factor_all                          ? 
_refine.ls_R_factor_R_work                       0.207 
_refine.ls_R_factor_R_free                       0.287 
_refine.ls_R_factor_R_free_error                 ? 
_refine.ls_R_factor_R_free_error_details         ? 
_refine.ls_percent_reflns_R_free                 ? 
_refine.ls_number_reflns_R_free                  ? 
_refine.ls_number_parameters                     ? 
_refine.ls_number_restraints                     ? 
_refine.occupancy_min                            ? 
_refine.occupancy_max                            ? 
_refine.B_iso_mean                               15.90 
_refine.aniso_B[1][1]                            ? 
_refine.aniso_B[2][2]                            ? 
_refine.aniso_B[3][3]                            ? 
_refine.aniso_B[1][2]                            ? 
_refine.aniso_B[1][3]                            ? 
_refine.aniso_B[2][3]                            ? 
_refine.solvent_model_details                    ? 
_refine.solvent_model_param_ksol                 ? 
_refine.solvent_model_param_bsol                 ? 
_refine.pdbx_ls_cross_valid_method               ? 
_refine.details                                  ? 
_refine.pdbx_starting_model                      ? 
_refine.pdbx_method_to_determine_struct          'MOLECULAR REPLACEMENT' 
_refine.pdbx_isotropic_thermal_model             ? 
_refine.pdbx_stereochemistry_target_values       ? 
_refine.pdbx_stereochem_target_val_spec_case     ? 
_refine.pdbx_R_Free_selection_details            ? 
_refine.pdbx_overall_ESU_R                       ? 
_refine.pdbx_overall_ESU_R_Free                  ? 
_refine.overall_SU_ML                            ? 
_refine.overall_SU_B                             ? 
_refine.pdbx_refine_id                           'X-RAY DIFFRACTION' 
_refine.pdbx_diffrn_id                           1 
_refine.pdbx_TLS_residual_ADP_flag               ? 
_refine.correlation_coeff_Fo_to_Fc               ? 
_refine.correlation_coeff_Fo_to_Fc_free          ? 
_refine.pdbx_solvent_vdw_probe_radii             ? 
_refine.pdbx_solvent_ion_probe_radii             ? 
_refine.pdbx_solvent_shrinkage_radii             ? 
_refine.pdbx_overall_phase_error                 ? 
_refine.overall_SU_R_Cruickshank_DPI             ? 
_refine.pdbx_overall_SU_R_free_Cruickshank_DPI   ? 
_refine.pdbx_overall_SU_R_Blow_DPI               ? 
_refine.pdbx_overall_SU_R_free_Blow_DPI          ? 
# 
_refine_analyze.entry_id                        313D 
_refine_analyze.Luzzati_coordinate_error_obs    0.20 
_refine_analyze.Luzzati_sigma_a_obs             ? 
_refine_analyze.Luzzati_d_res_low_obs           ? 
_refine_analyze.Luzzati_coordinate_error_free   ? 
_refine_analyze.Luzzati_sigma_a_free            ? 
_refine_analyze.Luzzati_d_res_low_free          ? 
_refine_analyze.number_disordered_residues      ? 
_refine_analyze.occupancy_sum_hydrogen          ? 
_refine_analyze.occupancy_sum_non_hydrogen      ? 
_refine_analyze.pdbx_refine_id                  'X-RAY DIFFRACTION' 
# 
_refine_hist.pdbx_refine_id                   'X-RAY DIFFRACTION' 
_refine_hist.cycle_id                         LAST 
_refine_hist.pdbx_number_atoms_protein        0 
_refine_hist.pdbx_number_atoms_nucleic_acid   284 
_refine_hist.pdbx_number_atoms_ligand         16 
_refine_hist.number_atoms_solvent             49 
_refine_hist.number_atoms_total               349 
_refine_hist.d_res_high                       1.680 
_refine_hist.d_res_low                        8.000 
# 
loop_
_refine_ls_restr.type 
_refine_ls_restr.dev_ideal 
_refine_ls_restr.dev_ideal_target 
_refine_ls_restr.weight 
_refine_ls_restr.number 
_refine_ls_restr.pdbx_refine_id 
_refine_ls_restr.pdbx_restraint_function 
x_bond_d                0.007 ? ? ? 'X-RAY DIFFRACTION' ? 
x_bond_d_na             ?     ? ? ? 'X-RAY DIFFRACTION' ? 
x_bond_d_prot           ?     ? ? ? 'X-RAY DIFFRACTION' ? 
x_angle_d               ?     ? ? ? 'X-RAY DIFFRACTION' ? 
x_angle_d_na            ?     ? ? ? 'X-RAY DIFFRACTION' ? 
x_angle_d_prot          ?     ? ? ? 'X-RAY DIFFRACTION' ? 
x_angle_deg             1.48  ? ? ? 'X-RAY DIFFRACTION' ? 
x_angle_deg_na          ?     ? ? ? 'X-RAY DIFFRACTION' ? 
x_angle_deg_prot        ?     ? ? ? 'X-RAY DIFFRACTION' ? 
x_dihedral_angle_d      ?     ? ? ? 'X-RAY DIFFRACTION' ? 
x_dihedral_angle_d_na   ?     ? ? ? 'X-RAY DIFFRACTION' ? 
x_dihedral_angle_d_prot ?     ? ? ? 'X-RAY DIFFRACTION' ? 
x_improper_angle_d      ?     ? ? ? 'X-RAY DIFFRACTION' ? 
x_improper_angle_d_na   ?     ? ? ? 'X-RAY DIFFRACTION' ? 
x_improper_angle_d_prot ?     ? ? ? 'X-RAY DIFFRACTION' ? 
x_mcbond_it             ?     ? ? ? 'X-RAY DIFFRACTION' ? 
x_mcangle_it            ?     ? ? ? 'X-RAY DIFFRACTION' ? 
x_scbond_it             ?     ? ? ? 'X-RAY DIFFRACTION' ? 
x_scangle_it            ?     ? ? ? 'X-RAY DIFFRACTION' ? 
# 
loop_
_pdbx_xplor_file.serial_no 
_pdbx_xplor_file.param_file 
_pdbx_xplor_file.topol_file 
_pdbx_xplor_file.pdbx_refine_id 
1 PAR_NDB.DNA      TOP_NDB.DNA 'X-RAY DIFFRACTION' 
2 PAR_NDB_HIGH.DNA ?           'X-RAY DIFFRACTION' 
# 
_struct.entry_id                  313D 
_struct.title                     
;Z-DNA HEXAMER WITH 5' OVERHANGS THAT FORM A REVERSE HOOGSTEEN BASE PAIR
;
_struct.pdbx_model_details        ? 
_struct.pdbx_CASP_flag            ? 
_struct.pdbx_model_type_details   ? 
# 
_struct_keywords.entry_id        313D 
_struct_keywords.pdbx_keywords   DNA 
_struct_keywords.text            'Z-DNA, DOUBLE HELIX, MODIFIED, OVERHANGING BASE, FLIPPED-OUT BASE, DNA' 
# 
loop_
_struct_asym.id 
_struct_asym.pdbx_blank_PDB_chainid_flag 
_struct_asym.pdbx_modified 
_struct_asym.entity_id 
_struct_asym.details 
A N N 1 ? 
B N N 1 ? 
C N N 2 ? 
D N N 3 ? 
E N N 4 ? 
F N N 4 ? 
# 
_struct_ref.id                         1 
_struct_ref.entity_id                  1 
_struct_ref.db_name                    PDB 
_struct_ref.db_code                    313D 
_struct_ref.pdbx_db_accession          313D 
_struct_ref.pdbx_db_isoform            ? 
_struct_ref.pdbx_seq_one_letter_code   ? 
_struct_ref.pdbx_align_begin           ? 
# 
loop_
_struct_ref_seq.align_id 
_struct_ref_seq.ref_id 
_struct_ref_seq.pdbx_PDB_id_code 
_struct_ref_seq.pdbx_strand_id 
_struct_ref_seq.seq_align_beg 
_struct_ref_seq.pdbx_seq_align_beg_ins_code 
_struct_ref_seq.seq_align_end 
_struct_ref_seq.pdbx_seq_align_end_ins_code 
_struct_ref_seq.pdbx_db_accession 
_struct_ref_seq.db_align_beg 
_struct_ref_seq.pdbx_db_align_beg_ins_code 
_struct_ref_seq.db_align_end 
_struct_ref_seq.pdbx_db_align_end_ins_code 
_struct_ref_seq.pdbx_auth_seq_align_beg 
_struct_ref_seq.pdbx_auth_seq_align_end 
1 1 313D A 1 ? 7 ? 313D 1 ? 7  ? 1 7  
2 1 313D B 1 ? 7 ? 313D 8 ? 14 ? 8 14 
# 
_pdbx_struct_assembly.id                   1 
_pdbx_struct_assembly.details              author_defined_assembly 
_pdbx_struct_assembly.method_details       ? 
_pdbx_struct_assembly.oligomeric_details   dimeric 
_pdbx_struct_assembly.oligomeric_count     2 
# 
_pdbx_struct_assembly_gen.assembly_id       1 
_pdbx_struct_assembly_gen.oper_expression   1 
_pdbx_struct_assembly_gen.asym_id_list      A,B,C,D,E,F 
# 
_pdbx_struct_oper_list.id                   1 
_pdbx_struct_oper_list.type                 'identity operation' 
_pdbx_struct_oper_list.name                 1_555 
_pdbx_struct_oper_list.symmetry_operation   x,y,z 
_pdbx_struct_oper_list.matrix[1][1]         1.0000000000 
_pdbx_struct_oper_list.matrix[1][2]         0.0000000000 
_pdbx_struct_oper_list.matrix[1][3]         0.0000000000 
_pdbx_struct_oper_list.vector[1]            0.0000000000 
_pdbx_struct_oper_list.matrix[2][1]         0.0000000000 
_pdbx_struct_oper_list.matrix[2][2]         1.0000000000 
_pdbx_struct_oper_list.matrix[2][3]         0.0000000000 
_pdbx_struct_oper_list.vector[2]            0.0000000000 
_pdbx_struct_oper_list.matrix[3][1]         0.0000000000 
_pdbx_struct_oper_list.matrix[3][2]         0.0000000000 
_pdbx_struct_oper_list.matrix[3][3]         1.0000000000 
_pdbx_struct_oper_list.vector[3]            0.0000000000 
# 
_struct_biol.id   1 
# 
loop_
_struct_conn.id 
_struct_conn.conn_type_id 
_struct_conn.pdbx_leaving_atom_flag 
_struct_conn.pdbx_PDB_id 
_struct_conn.ptnr1_label_asym_id 
_struct_conn.ptnr1_label_comp_id 
_struct_conn.ptnr1_label_seq_id 
_struct_conn.ptnr1_label_atom_id 
_struct_conn.pdbx_ptnr1_label_alt_id 
_struct_conn.pdbx_ptnr1_PDB_ins_code 
_struct_conn.pdbx_ptnr1_standard_comp_id 
_struct_conn.ptnr1_symmetry 
_struct_conn.ptnr2_label_asym_id 
_struct_conn.ptnr2_label_comp_id 
_struct_conn.ptnr2_label_seq_id 
_struct_conn.ptnr2_label_atom_id 
_struct_conn.pdbx_ptnr2_label_alt_id 
_struct_conn.pdbx_ptnr2_PDB_ins_code 
_struct_conn.ptnr1_auth_asym_id 
_struct_conn.ptnr1_auth_comp_id 
_struct_conn.ptnr1_auth_seq_id 
_struct_conn.ptnr2_auth_asym_id 
_struct_conn.ptnr2_auth_comp_id 
_struct_conn.ptnr2_auth_seq_id 
_struct_conn.ptnr2_symmetry 
_struct_conn.pdbx_ptnr3_label_atom_id 
_struct_conn.pdbx_ptnr3_label_seq_id 
_struct_conn.pdbx_ptnr3_label_comp_id 
_struct_conn.pdbx_ptnr3_label_asym_id 
_struct_conn.pdbx_ptnr3_label_alt_id 
_struct_conn.pdbx_ptnr3_PDB_ins_code 
_struct_conn.details 
_struct_conn.pdbx_dist_value 
_struct_conn.pdbx_value_order 
_struct_conn.pdbx_role 
covale1  covale both ? A DG  1 "O3'" ? ? ? 1_555 A 5CM 2 P  ? ? A DG  1  A 5CM 2  1_555 ? ? ? ? ? ? ?            1.598 ? ? 
covale2  covale both ? A 5CM 2 "O3'" ? ? ? 1_555 A DG  3 P  ? ? A 5CM 2  A DG  3  1_555 ? ? ? ? ? ? ?            1.605 ? ? 
covale3  covale both ? B DG  1 "O3'" ? ? ? 1_555 B 5CM 2 P  ? ? B DG  8  B 5CM 9  1_555 ? ? ? ? ? ? ?            1.596 ? ? 
covale4  covale both ? B 5CM 2 "O3'" ? ? ? 1_555 B DG  3 P  ? ? B 5CM 9  B DG  10 1_555 ? ? ? ? ? ? ?            1.613 ? ? 
metalc1  metalc ?    ? C MG  . MG    ? ? ? 1_555 E HOH . O  ? ? A MG  16 A HOH 66 1_555 ? ? ? ? ? ? ?            2.182 ? ? 
metalc2  metalc ?    ? C MG  . MG    ? ? ? 1_555 E HOH . O  ? ? A MG  16 A HOH 67 1_555 ? ? ? ? ? ? ?            2.300 ? ? 
metalc3  metalc ?    ? C MG  . MG    ? ? ? 1_555 E HOH . O  ? ? A MG  16 A HOH 68 1_555 ? ? ? ? ? ? ?            2.584 ? ? 
metalc4  metalc ?    ? C MG  . MG    ? ? ? 1_555 E HOH . O  ? ? A MG  16 A HOH 69 1_555 ? ? ? ? ? ? ?            2.099 ? ? 
metalc5  metalc ?    ? C MG  . MG    ? ? ? 1_555 E HOH . O  ? ? A MG  16 A HOH 70 1_555 ? ? ? ? ? ? ?            1.972 ? ? 
metalc6  metalc ?    ? C MG  . MG    ? ? ? 1_555 E HOH . O  ? ? A MG  16 A HOH 71 1_555 ? ? ? ? ? ? ?            2.102 ? ? 
hydrog1  hydrog ?    ? A 5CM 2 N3    ? ? ? 1_555 B DG  7 N1 ? ? A 5CM 2  B DG  14 1_555 ? ? ? ? ? ? WATSON-CRICK ?     ? ? 
hydrog2  hydrog ?    ? A 5CM 2 N4    ? ? ? 1_555 B DG  7 O6 ? ? A 5CM 2  B DG  14 1_555 ? ? ? ? ? ? WATSON-CRICK ?     ? ? 
hydrog3  hydrog ?    ? A 5CM 2 O2    ? ? ? 1_555 B DG  7 N2 ? ? A 5CM 2  B DG  14 1_555 ? ? ? ? ? ? WATSON-CRICK ?     ? ? 
hydrog4  hydrog ?    ? A DG  3 N1    ? ? ? 1_555 B DC  6 N3 ? ? A DG  3  B DC  13 1_555 ? ? ? ? ? ? WATSON-CRICK ?     ? ? 
hydrog5  hydrog ?    ? A DG  3 N2    ? ? ? 1_555 B DC  6 O2 ? ? A DG  3  B DC  13 1_555 ? ? ? ? ? ? WATSON-CRICK ?     ? ? 
hydrog6  hydrog ?    ? A DG  3 O6    ? ? ? 1_555 B DC  6 N4 ? ? A DG  3  B DC  13 1_555 ? ? ? ? ? ? WATSON-CRICK ?     ? ? 
hydrog7  hydrog ?    ? A DC  4 N3    ? ? ? 1_555 B DG  5 N1 ? ? A DC  4  B DG  12 1_555 ? ? ? ? ? ? WATSON-CRICK ?     ? ? 
hydrog8  hydrog ?    ? A DC  4 N4    ? ? ? 1_555 B DG  5 O6 ? ? A DC  4  B DG  12 1_555 ? ? ? ? ? ? WATSON-CRICK ?     ? ? 
hydrog9  hydrog ?    ? A DC  4 O2    ? ? ? 1_555 B DG  5 N2 ? ? A DC  4  B DG  12 1_555 ? ? ? ? ? ? WATSON-CRICK ?     ? ? 
hydrog10 hydrog ?    ? A DG  5 N1    ? ? ? 1_555 B DC  4 N3 ? ? A DG  5  B DC  11 1_555 ? ? ? ? ? ? WATSON-CRICK ?     ? ? 
hydrog11 hydrog ?    ? A DG  5 N2    ? ? ? 1_555 B DC  4 O2 ? ? A DG  5  B DC  11 1_555 ? ? ? ? ? ? WATSON-CRICK ?     ? ? 
hydrog12 hydrog ?    ? A DG  5 O6    ? ? ? 1_555 B DC  4 N4 ? ? A DG  5  B DC  11 1_555 ? ? ? ? ? ? WATSON-CRICK ?     ? ? 
hydrog13 hydrog ?    ? A DC  6 N3    ? ? ? 1_555 B DG  3 N1 ? ? A DC  6  B DG  10 1_555 ? ? ? ? ? ? WATSON-CRICK ?     ? ? 
hydrog14 hydrog ?    ? A DC  6 N4    ? ? ? 1_555 B DG  3 O6 ? ? A DC  6  B DG  10 1_555 ? ? ? ? ? ? WATSON-CRICK ?     ? ? 
hydrog15 hydrog ?    ? A DC  6 O2    ? ? ? 1_555 B DG  3 N2 ? ? A DC  6  B DG  10 1_555 ? ? ? ? ? ? WATSON-CRICK ?     ? ? 
hydrog16 hydrog ?    ? A DG  7 N1    ? ? ? 1_555 B 5CM 2 N3 ? ? A DG  7  B 5CM 9  1_555 ? ? ? ? ? ? WATSON-CRICK ?     ? ? 
hydrog17 hydrog ?    ? A DG  7 N2    ? ? ? 1_555 B 5CM 2 O2 ? ? A DG  7  B 5CM 9  1_555 ? ? ? ? ? ? WATSON-CRICK ?     ? ? 
hydrog18 hydrog ?    ? A DG  7 O6    ? ? ? 1_555 B 5CM 2 N4 ? ? A DG  7  B 5CM 9  1_555 ? ? ? ? ? ? WATSON-CRICK ?     ? ? 
# 
loop_
_struct_conn_type.id 
_struct_conn_type.criteria 
_struct_conn_type.reference 
covale ? ? 
metalc ? ? 
hydrog ? ? 
# 
loop_
_pdbx_struct_conn_angle.id 
_pdbx_struct_conn_angle.ptnr1_label_atom_id 
_pdbx_struct_conn_angle.ptnr1_label_alt_id 
_pdbx_struct_conn_angle.ptnr1_label_asym_id 
_pdbx_struct_conn_angle.ptnr1_label_comp_id 
_pdbx_struct_conn_angle.ptnr1_label_seq_id 
_pdbx_struct_conn_angle.ptnr1_auth_atom_id 
_pdbx_struct_conn_angle.ptnr1_auth_asym_id 
_pdbx_struct_conn_angle.ptnr1_auth_comp_id 
_pdbx_struct_conn_angle.ptnr1_auth_seq_id 
_pdbx_struct_conn_angle.ptnr1_PDB_ins_code 
_pdbx_struct_conn_angle.ptnr1_symmetry 
_pdbx_struct_conn_angle.ptnr2_label_atom_id 
_pdbx_struct_conn_angle.ptnr2_label_alt_id 
_pdbx_struct_conn_angle.ptnr2_label_asym_id 
_pdbx_struct_conn_angle.ptnr2_label_comp_id 
_pdbx_struct_conn_angle.ptnr2_label_seq_id 
_pdbx_struct_conn_angle.ptnr2_auth_atom_id 
_pdbx_struct_conn_angle.ptnr2_auth_asym_id 
_pdbx_struct_conn_angle.ptnr2_auth_comp_id 
_pdbx_struct_conn_angle.ptnr2_auth_seq_id 
_pdbx_struct_conn_angle.ptnr2_PDB_ins_code 
_pdbx_struct_conn_angle.ptnr2_symmetry 
_pdbx_struct_conn_angle.ptnr3_label_atom_id 
_pdbx_struct_conn_angle.ptnr3_label_alt_id 
_pdbx_struct_conn_angle.ptnr3_label_asym_id 
_pdbx_struct_conn_angle.ptnr3_label_comp_id 
_pdbx_struct_conn_angle.ptnr3_label_seq_id 
_pdbx_struct_conn_angle.ptnr3_auth_atom_id 
_pdbx_struct_conn_angle.ptnr3_auth_asym_id 
_pdbx_struct_conn_angle.ptnr3_auth_comp_id 
_pdbx_struct_conn_angle.ptnr3_auth_seq_id 
_pdbx_struct_conn_angle.ptnr3_PDB_ins_code 
_pdbx_struct_conn_angle.ptnr3_symmetry 
_pdbx_struct_conn_angle.value 
_pdbx_struct_conn_angle.value_esd 
1  O ? E HOH . ? A HOH 66 ? 1_555 MG ? C MG . ? A MG 16 ? 1_555 O ? E HOH . ? A HOH 67 ? 1_555 160.7 ? 
2  O ? E HOH . ? A HOH 66 ? 1_555 MG ? C MG . ? A MG 16 ? 1_555 O ? E HOH . ? A HOH 68 ? 1_555 60.3  ? 
3  O ? E HOH . ? A HOH 67 ? 1_555 MG ? C MG . ? A MG 16 ? 1_555 O ? E HOH . ? A HOH 68 ? 1_555 101.0 ? 
4  O ? E HOH . ? A HOH 66 ? 1_555 MG ? C MG . ? A MG 16 ? 1_555 O ? E HOH . ? A HOH 69 ? 1_555 108.5 ? 
5  O ? E HOH . ? A HOH 67 ? 1_555 MG ? C MG . ? A MG 16 ? 1_555 O ? E HOH . ? A HOH 69 ? 1_555 88.2  ? 
6  O ? E HOH . ? A HOH 68 ? 1_555 MG ? C MG . ? A MG 16 ? 1_555 O ? E HOH . ? A HOH 69 ? 1_555 162.0 ? 
7  O ? E HOH . ? A HOH 66 ? 1_555 MG ? C MG . ? A MG 16 ? 1_555 O ? E HOH . ? A HOH 70 ? 1_555 75.2  ? 
8  O ? E HOH . ? A HOH 67 ? 1_555 MG ? C MG . ? A MG 16 ? 1_555 O ? E HOH . ? A HOH 70 ? 1_555 98.6  ? 
9  O ? E HOH . ? A HOH 68 ? 1_555 MG ? C MG . ? A MG 16 ? 1_555 O ? E HOH . ? A HOH 70 ? 1_555 82.3  ? 
10 O ? E HOH . ? A HOH 69 ? 1_555 MG ? C MG . ? A MG 16 ? 1_555 O ? E HOH . ? A HOH 70 ? 1_555 81.0  ? 
11 O ? E HOH . ? A HOH 66 ? 1_555 MG ? C MG . ? A MG 16 ? 1_555 O ? E HOH . ? A HOH 71 ? 1_555 87.4  ? 
12 O ? E HOH . ? A HOH 67 ? 1_555 MG ? C MG . ? A MG 16 ? 1_555 O ? E HOH . ? A HOH 71 ? 1_555 101.1 ? 
13 O ? E HOH . ? A HOH 68 ? 1_555 MG ? C MG . ? A MG 16 ? 1_555 O ? E HOH . ? A HOH 71 ? 1_555 98.1  ? 
14 O ? E HOH . ? A HOH 69 ? 1_555 MG ? C MG . ? A MG 16 ? 1_555 O ? E HOH . ? A HOH 71 ? 1_555 95.3  ? 
15 O ? E HOH . ? A HOH 70 ? 1_555 MG ? C MG . ? A MG 16 ? 1_555 O ? E HOH . ? A HOH 71 ? 1_555 159.8 ? 
# 
loop_
_struct_site.id 
_struct_site.pdbx_evidence_code 
_struct_site.pdbx_auth_asym_id 
_struct_site.pdbx_auth_comp_id 
_struct_site.pdbx_auth_seq_id 
_struct_site.pdbx_auth_ins_code 
_struct_site.pdbx_num_residues 
_struct_site.details 
AC1 Software A MG  16 ? 7 'BINDING SITE FOR RESIDUE MG A 16'  
AC2 Software A NCO 15 ? 7 'BINDING SITE FOR RESIDUE NCO A 15' 
# 
loop_
_struct_site_gen.id 
_struct_site_gen.site_id 
_struct_site_gen.pdbx_num_res 
_struct_site_gen.label_comp_id 
_struct_site_gen.label_asym_id 
_struct_site_gen.label_seq_id 
_struct_site_gen.pdbx_auth_ins_code 
_struct_site_gen.auth_comp_id 
_struct_site_gen.auth_asym_id 
_struct_site_gen.auth_seq_id 
_struct_site_gen.label_atom_id 
_struct_site_gen.label_alt_id 
_struct_site_gen.symmetry 
_struct_site_gen.details 
1  AC1 7 HOH E . ? HOH A 66 . ? 1_555 ? 
2  AC1 7 HOH E . ? HOH A 67 . ? 1_555 ? 
3  AC1 7 HOH E . ? HOH A 68 . ? 1_555 ? 
4  AC1 7 HOH E . ? HOH A 69 . ? 1_555 ? 
5  AC1 7 HOH E . ? HOH A 70 . ? 1_555 ? 
6  AC1 7 HOH E . ? HOH A 71 . ? 1_555 ? 
7  AC1 7 DG  B 7 ? DG  B 14 . ? 3_545 ? 
8  AC2 7 DC  A 4 ? DC  A 4  . ? 1_555 ? 
9  AC2 7 DG  A 5 ? DG  A 5  . ? 1_555 ? 
10 AC2 7 DG  A 5 ? DG  A 5  . ? 3_545 ? 
11 AC2 7 HOH E . ? HOH A 44 . ? 1_555 ? 
12 AC2 7 HOH E . ? HOH A 61 . ? 3_545 ? 
13 AC2 7 DG  B 7 ? DG  B 14 . ? 3_545 ? 
14 AC2 7 HOH F . ? HOH B 63 . ? 3_545 ? 
# 
_pdbx_validate_rmsd_angle.id                         1 
_pdbx_validate_rmsd_angle.PDB_model_num              1 
_pdbx_validate_rmsd_angle.auth_atom_id_1             "C3'" 
_pdbx_validate_rmsd_angle.auth_asym_id_1             B 
_pdbx_validate_rmsd_angle.auth_comp_id_1             DG 
_pdbx_validate_rmsd_angle.auth_seq_id_1              8 
_pdbx_validate_rmsd_angle.PDB_ins_code_1             ? 
_pdbx_validate_rmsd_angle.label_alt_id_1             ? 
_pdbx_validate_rmsd_angle.auth_atom_id_2             "C2'" 
_pdbx_validate_rmsd_angle.auth_asym_id_2             B 
_pdbx_validate_rmsd_angle.auth_comp_id_2             DG 
_pdbx_validate_rmsd_angle.auth_seq_id_2              8 
_pdbx_validate_rmsd_angle.PDB_ins_code_2             ? 
_pdbx_validate_rmsd_angle.label_alt_id_2             ? 
_pdbx_validate_rmsd_angle.auth_atom_id_3             "C1'" 
_pdbx_validate_rmsd_angle.auth_asym_id_3             B 
_pdbx_validate_rmsd_angle.auth_comp_id_3             DG 
_pdbx_validate_rmsd_angle.auth_seq_id_3              8 
_pdbx_validate_rmsd_angle.PDB_ins_code_3             ? 
_pdbx_validate_rmsd_angle.label_alt_id_3             ? 
_pdbx_validate_rmsd_angle.angle_value                97.23 
_pdbx_validate_rmsd_angle.angle_target_value         102.40 
_pdbx_validate_rmsd_angle.angle_deviation            -5.17 
_pdbx_validate_rmsd_angle.angle_standard_deviation   0.80 
_pdbx_validate_rmsd_angle.linker_flag                N 
# 
loop_
_pdbx_struct_mod_residue.id 
_pdbx_struct_mod_residue.label_asym_id 
_pdbx_struct_mod_residue.label_comp_id 
_pdbx_struct_mod_residue.label_seq_id 
_pdbx_struct_mod_residue.auth_asym_id 
_pdbx_struct_mod_residue.auth_comp_id 
_pdbx_struct_mod_residue.auth_seq_id 
_pdbx_struct_mod_residue.PDB_ins_code 
_pdbx_struct_mod_residue.parent_comp_id 
_pdbx_struct_mod_residue.details 
1 A 5CM 2 A 5CM 2 ? DC ? 
2 B 5CM 2 B 5CM 9 ? DC ? 
# 
loop_
_chem_comp_atom.comp_id 
_chem_comp_atom.atom_id 
_chem_comp_atom.type_symbol 
_chem_comp_atom.pdbx_aromatic_flag 
_chem_comp_atom.pdbx_stereo_config 
_chem_comp_atom.pdbx_ordinal 
5CM N1     N  N N 1   
5CM C2     C  N N 2   
5CM N3     N  N N 3   
5CM C4     C  N N 4   
5CM C5     C  N N 5   
5CM C5A    C  N N 6   
5CM C6     C  N N 7   
5CM O2     O  N N 8   
5CM N4     N  N N 9   
5CM "C1'"  C  N R 10  
5CM "C2'"  C  N N 11  
5CM "C3'"  C  N S 12  
5CM "C4'"  C  N R 13  
5CM "O4'"  O  N N 14  
5CM "O3'"  O  N N 15  
5CM "C5'"  C  N N 16  
5CM "O5'"  O  N N 17  
5CM P      P  N N 18  
5CM OP1    O  N N 19  
5CM OP2    O  N N 20  
5CM OP3    O  N N 21  
5CM H5A1   H  N N 22  
5CM H5A2   H  N N 23  
5CM H5A3   H  N N 24  
5CM H6     H  N N 25  
5CM HN41   H  N N 26  
5CM HN42   H  N N 27  
5CM "H1'"  H  N N 28  
5CM "H2'"  H  N N 29  
5CM "H2''" H  N N 30  
5CM "H3'"  H  N N 31  
5CM "H4'"  H  N N 32  
5CM "HO3'" H  N N 33  
5CM "H5'"  H  N N 34  
5CM "H5''" H  N N 35  
5CM HOP2   H  N N 36  
5CM HOP3   H  N N 37  
DC  OP3    O  N N 38  
DC  P      P  N N 39  
DC  OP1    O  N N 40  
DC  OP2    O  N N 41  
DC  "O5'"  O  N N 42  
DC  "C5'"  C  N N 43  
DC  "C4'"  C  N R 44  
DC  "O4'"  O  N N 45  
DC  "C3'"  C  N S 46  
DC  "O3'"  O  N N 47  
DC  "C2'"  C  N N 48  
DC  "C1'"  C  N R 49  
DC  N1     N  N N 50  
DC  C2     C  N N 51  
DC  O2     O  N N 52  
DC  N3     N  N N 53  
DC  C4     C  N N 54  
DC  N4     N  N N 55  
DC  C5     C  N N 56  
DC  C6     C  N N 57  
DC  HOP3   H  N N 58  
DC  HOP2   H  N N 59  
DC  "H5'"  H  N N 60  
DC  "H5''" H  N N 61  
DC  "H4'"  H  N N 62  
DC  "H3'"  H  N N 63  
DC  "HO3'" H  N N 64  
DC  "H2'"  H  N N 65  
DC  "H2''" H  N N 66  
DC  "H1'"  H  N N 67  
DC  H41    H  N N 68  
DC  H42    H  N N 69  
DC  H5     H  N N 70  
DC  H6     H  N N 71  
DG  OP3    O  N N 72  
DG  P      P  N N 73  
DG  OP1    O  N N 74  
DG  OP2    O  N N 75  
DG  "O5'"  O  N N 76  
DG  "C5'"  C  N N 77  
DG  "C4'"  C  N R 78  
DG  "O4'"  O  N N 79  
DG  "C3'"  C  N S 80  
DG  "O3'"  O  N N 81  
DG  "C2'"  C  N N 82  
DG  "C1'"  C  N R 83  
DG  N9     N  Y N 84  
DG  C8     C  Y N 85  
DG  N7     N  Y N 86  
DG  C5     C  Y N 87  
DG  C6     C  N N 88  
DG  O6     O  N N 89  
DG  N1     N  N N 90  
DG  C2     C  N N 91  
DG  N2     N  N N 92  
DG  N3     N  N N 93  
DG  C4     C  Y N 94  
DG  HOP3   H  N N 95  
DG  HOP2   H  N N 96  
DG  "H5'"  H  N N 97  
DG  "H5''" H  N N 98  
DG  "H4'"  H  N N 99  
DG  "H3'"  H  N N 100 
DG  "HO3'" H  N N 101 
DG  "H2'"  H  N N 102 
DG  "H2''" H  N N 103 
DG  "H1'"  H  N N 104 
DG  H8     H  N N 105 
DG  H1     H  N N 106 
DG  H21    H  N N 107 
DG  H22    H  N N 108 
HOH O      O  N N 109 
HOH H1     H  N N 110 
HOH H2     H  N N 111 
MG  MG     MG N N 112 
NCO CO     CO N N 113 
NCO N1     N  N N 114 
NCO N2     N  N N 115 
NCO N3     N  N N 116 
NCO N4     N  N N 117 
NCO N5     N  N N 118 
NCO N6     N  N N 119 
NCO HN11   H  N N 120 
NCO HN12   H  N N 121 
NCO HN13   H  N N 122 
NCO HN21   H  N N 123 
NCO HN22   H  N N 124 
NCO HN23   H  N N 125 
NCO HN31   H  N N 126 
NCO HN32   H  N N 127 
NCO HN33   H  N N 128 
NCO HN41   H  N N 129 
NCO HN42   H  N N 130 
NCO HN43   H  N N 131 
NCO HN51   H  N N 132 
NCO HN52   H  N N 133 
NCO HN53   H  N N 134 
NCO HN61   H  N N 135 
NCO HN62   H  N N 136 
NCO HN63   H  N N 137 
# 
loop_
_chem_comp_bond.comp_id 
_chem_comp_bond.atom_id_1 
_chem_comp_bond.atom_id_2 
_chem_comp_bond.value_order 
_chem_comp_bond.pdbx_aromatic_flag 
_chem_comp_bond.pdbx_stereo_config 
_chem_comp_bond.pdbx_ordinal 
5CM N1    C2     sing N N 1   
5CM N1    C6     sing N N 2   
5CM N1    "C1'"  sing N N 3   
5CM C2    N3     sing N N 4   
5CM C2    O2     doub N N 5   
5CM N3    C4     doub N N 6   
5CM C4    C5     sing N N 7   
5CM C4    N4     sing N N 8   
5CM C5    C5A    sing N N 9   
5CM C5    C6     doub N N 10  
5CM C5A   H5A1   sing N N 11  
5CM C5A   H5A2   sing N N 12  
5CM C5A   H5A3   sing N N 13  
5CM C6    H6     sing N N 14  
5CM N4    HN41   sing N N 15  
5CM N4    HN42   sing N N 16  
5CM "C1'" "C2'"  sing N N 17  
5CM "C1'" "O4'"  sing N N 18  
5CM "C1'" "H1'"  sing N N 19  
5CM "C2'" "C3'"  sing N N 20  
5CM "C2'" "H2'"  sing N N 21  
5CM "C2'" "H2''" sing N N 22  
5CM "C3'" "C4'"  sing N N 23  
5CM "C3'" "O3'"  sing N N 24  
5CM "C3'" "H3'"  sing N N 25  
5CM "C4'" "O4'"  sing N N 26  
5CM "C4'" "C5'"  sing N N 27  
5CM "C4'" "H4'"  sing N N 28  
5CM "O3'" "HO3'" sing N N 29  
5CM "C5'" "O5'"  sing N N 30  
5CM "C5'" "H5'"  sing N N 31  
5CM "C5'" "H5''" sing N N 32  
5CM "O5'" P      sing N N 33  
5CM P     OP1    doub N N 34  
5CM P     OP2    sing N N 35  
5CM P     OP3    sing N N 36  
5CM OP2   HOP2   sing N N 37  
5CM OP3   HOP3   sing N N 38  
DC  OP3   P      sing N N 39  
DC  OP3   HOP3   sing N N 40  
DC  P     OP1    doub N N 41  
DC  P     OP2    sing N N 42  
DC  P     "O5'"  sing N N 43  
DC  OP2   HOP2   sing N N 44  
DC  "O5'" "C5'"  sing N N 45  
DC  "C5'" "C4'"  sing N N 46  
DC  "C5'" "H5'"  sing N N 47  
DC  "C5'" "H5''" sing N N 48  
DC  "C4'" "O4'"  sing N N 49  
DC  "C4'" "C3'"  sing N N 50  
DC  "C4'" "H4'"  sing N N 51  
DC  "O4'" "C1'"  sing N N 52  
DC  "C3'" "O3'"  sing N N 53  
DC  "C3'" "C2'"  sing N N 54  
DC  "C3'" "H3'"  sing N N 55  
DC  "O3'" "HO3'" sing N N 56  
DC  "C2'" "C1'"  sing N N 57  
DC  "C2'" "H2'"  sing N N 58  
DC  "C2'" "H2''" sing N N 59  
DC  "C1'" N1     sing N N 60  
DC  "C1'" "H1'"  sing N N 61  
DC  N1    C2     sing N N 62  
DC  N1    C6     sing N N 63  
DC  C2    O2     doub N N 64  
DC  C2    N3     sing N N 65  
DC  N3    C4     doub N N 66  
DC  C4    N4     sing N N 67  
DC  C4    C5     sing N N 68  
DC  N4    H41    sing N N 69  
DC  N4    H42    sing N N 70  
DC  C5    C6     doub N N 71  
DC  C5    H5     sing N N 72  
DC  C6    H6     sing N N 73  
DG  OP3   P      sing N N 74  
DG  OP3   HOP3   sing N N 75  
DG  P     OP1    doub N N 76  
DG  P     OP2    sing N N 77  
DG  P     "O5'"  sing N N 78  
DG  OP2   HOP2   sing N N 79  
DG  "O5'" "C5'"  sing N N 80  
DG  "C5'" "C4'"  sing N N 81  
DG  "C5'" "H5'"  sing N N 82  
DG  "C5'" "H5''" sing N N 83  
DG  "C4'" "O4'"  sing N N 84  
DG  "C4'" "C3'"  sing N N 85  
DG  "C4'" "H4'"  sing N N 86  
DG  "O4'" "C1'"  sing N N 87  
DG  "C3'" "O3'"  sing N N 88  
DG  "C3'" "C2'"  sing N N 89  
DG  "C3'" "H3'"  sing N N 90  
DG  "O3'" "HO3'" sing N N 91  
DG  "C2'" "C1'"  sing N N 92  
DG  "C2'" "H2'"  sing N N 93  
DG  "C2'" "H2''" sing N N 94  
DG  "C1'" N9     sing N N 95  
DG  "C1'" "H1'"  sing N N 96  
DG  N9    C8     sing Y N 97  
DG  N9    C4     sing Y N 98  
DG  C8    N7     doub Y N 99  
DG  C8    H8     sing N N 100 
DG  N7    C5     sing Y N 101 
DG  C5    C6     sing N N 102 
DG  C5    C4     doub Y N 103 
DG  C6    O6     doub N N 104 
DG  C6    N1     sing N N 105 
DG  N1    C2     sing N N 106 
DG  N1    H1     sing N N 107 
DG  C2    N2     sing N N 108 
DG  C2    N3     doub N N 109 
DG  N2    H21    sing N N 110 
DG  N2    H22    sing N N 111 
DG  N3    C4     sing N N 112 
HOH O     H1     sing N N 113 
HOH O     H2     sing N N 114 
NCO CO    N1     sing N N 115 
NCO CO    N2     sing N N 116 
NCO CO    N3     sing N N 117 
NCO CO    N4     sing N N 118 
NCO CO    N5     sing N N 119 
NCO CO    N6     sing N N 120 
NCO N1    HN11   sing N N 121 
NCO N1    HN12   sing N N 122 
NCO N1    HN13   sing N N 123 
NCO N2    HN21   sing N N 124 
NCO N2    HN22   sing N N 125 
NCO N2    HN23   sing N N 126 
NCO N3    HN31   sing N N 127 
NCO N3    HN32   sing N N 128 
NCO N3    HN33   sing N N 129 
NCO N4    HN41   sing N N 130 
NCO N4    HN42   sing N N 131 
NCO N4    HN43   sing N N 132 
NCO N5    HN51   sing N N 133 
NCO N5    HN52   sing N N 134 
NCO N5    HN53   sing N N 135 
NCO N6    HN61   sing N N 136 
NCO N6    HN62   sing N N 137 
NCO N6    HN63   sing N N 138 
# 
_ndb_struct_conf_na.entry_id   313D 
_ndb_struct_conf_na.feature    'z-form double helix' 
# 
loop_
_ndb_struct_na_base_pair.model_number 
_ndb_struct_na_base_pair.i_label_asym_id 
_ndb_struct_na_base_pair.i_label_comp_id 
_ndb_struct_na_base_pair.i_label_seq_id 
_ndb_struct_na_base_pair.i_symmetry 
_ndb_struct_na_base_pair.j_label_asym_id 
_ndb_struct_na_base_pair.j_label_comp_id 
_ndb_struct_na_base_pair.j_label_seq_id 
_ndb_struct_na_base_pair.j_symmetry 
_ndb_struct_na_base_pair.shear 
_ndb_struct_na_base_pair.stretch 
_ndb_struct_na_base_pair.stagger 
_ndb_struct_na_base_pair.buckle 
_ndb_struct_na_base_pair.propeller 
_ndb_struct_na_base_pair.opening 
_ndb_struct_na_base_pair.pair_number 
_ndb_struct_na_base_pair.pair_name 
_ndb_struct_na_base_pair.i_auth_asym_id 
_ndb_struct_na_base_pair.i_auth_seq_id 
_ndb_struct_na_base_pair.i_PDB_ins_code 
_ndb_struct_na_base_pair.j_auth_asym_id 
_ndb_struct_na_base_pair.j_auth_seq_id 
_ndb_struct_na_base_pair.j_PDB_ins_code 
_ndb_struct_na_base_pair.hbond_type_28 
_ndb_struct_na_base_pair.hbond_type_12 
1 A 5CM 2 1_555 B DG  7 1_555 -0.194 0.043  -0.285 12.244 -0.267 2.367 1 A_5CM2:DG14_B A 2 ? B 14 ? 19 1 
1 A DG  3 1_555 B DC  6 1_555 0.167  -0.172 0.134  -9.579 -2.291 3.616 2 A_DG3:DC13_B  A 3 ? B 13 ? 19 1 
1 A DC  4 1_555 B DG  5 1_555 -0.278 -0.121 0.211  0.732  -0.711 1.454 3 A_DC4:DG12_B  A 4 ? B 12 ? 19 1 
1 A DG  5 1_555 B DC  4 1_555 0.162  -0.093 -0.029 -2.362 0.139  1.212 4 A_DG5:DC11_B  A 5 ? B 11 ? 19 1 
1 A DC  6 1_555 B DG  3 1_555 -0.401 -0.192 0.215  6.532  -1.793 2.118 5 A_DC6:DG10_B  A 6 ? B 10 ? 19 1 
1 A DG  7 1_555 B 5CM 2 1_555 0.440  -0.250 0.358  -8.612 0.032  0.662 6 A_DG7:5CM9_B  A 7 ? B 9  ? 19 1 
# 
loop_
_ndb_struct_na_base_pair_step.model_number 
_ndb_struct_na_base_pair_step.i_label_asym_id_1 
_ndb_struct_na_base_pair_step.i_label_comp_id_1 
_ndb_struct_na_base_pair_step.i_label_seq_id_1 
_ndb_struct_na_base_pair_step.i_symmetry_1 
_ndb_struct_na_base_pair_step.j_label_asym_id_1 
_ndb_struct_na_base_pair_step.j_label_comp_id_1 
_ndb_struct_na_base_pair_step.j_label_seq_id_1 
_ndb_struct_na_base_pair_step.j_symmetry_1 
_ndb_struct_na_base_pair_step.i_label_asym_id_2 
_ndb_struct_na_base_pair_step.i_label_comp_id_2 
_ndb_struct_na_base_pair_step.i_label_seq_id_2 
_ndb_struct_na_base_pair_step.i_symmetry_2 
_ndb_struct_na_base_pair_step.j_label_asym_id_2 
_ndb_struct_na_base_pair_step.j_label_comp_id_2 
_ndb_struct_na_base_pair_step.j_label_seq_id_2 
_ndb_struct_na_base_pair_step.j_symmetry_2 
_ndb_struct_na_base_pair_step.shift 
_ndb_struct_na_base_pair_step.slide 
_ndb_struct_na_base_pair_step.rise 
_ndb_struct_na_base_pair_step.tilt 
_ndb_struct_na_base_pair_step.roll 
_ndb_struct_na_base_pair_step.twist 
_ndb_struct_na_base_pair_step.x_displacement 
_ndb_struct_na_base_pair_step.y_displacement 
_ndb_struct_na_base_pair_step.helical_rise 
_ndb_struct_na_base_pair_step.inclination 
_ndb_struct_na_base_pair_step.tip 
_ndb_struct_na_base_pair_step.helical_twist 
_ndb_struct_na_base_pair_step.step_number 
_ndb_struct_na_base_pair_step.step_name 
_ndb_struct_na_base_pair_step.i_auth_asym_id_1 
_ndb_struct_na_base_pair_step.i_auth_seq_id_1 
_ndb_struct_na_base_pair_step.i_PDB_ins_code_1 
_ndb_struct_na_base_pair_step.j_auth_asym_id_1 
_ndb_struct_na_base_pair_step.j_auth_seq_id_1 
_ndb_struct_na_base_pair_step.j_PDB_ins_code_1 
_ndb_struct_na_base_pair_step.i_auth_asym_id_2 
_ndb_struct_na_base_pair_step.i_auth_seq_id_2 
_ndb_struct_na_base_pair_step.i_PDB_ins_code_2 
_ndb_struct_na_base_pair_step.j_auth_asym_id_2 
_ndb_struct_na_base_pair_step.j_auth_seq_id_2 
_ndb_struct_na_base_pair_step.j_PDB_ins_code_2 
1 A 5CM 2 1_555 B DG 7 1_555 A DG 3 1_555 B DC  6 1_555 -0.027 5.745  4.029 -4.080 -1.857 -6.043  -34.755 -20.051 4.640 15.161  
-33.304 -7.523  1 AA_5CM2DG3:DC13DG14_BB A 2 ? B 14 ? A 3 ? B 13 ? 
1 A DG  3 1_555 B DC 6 1_555 A DC 4 1_555 B DG  5 1_555 -0.157 -1.209 3.297 0.901  -1.804 -49.746 1.568   -0.121  3.256 2.143   
1.070   -49.784 2 AA_DG3DC4:DG12DC13_BB  A 3 ? B 13 ? A 4 ? B 12 ? 
1 A DC  4 1_555 B DG 5 1_555 A DG 5 1_555 B DC  4 1_555 -0.021 5.273  3.688 2.234  -2.823 -8.321  -24.424 6.943   5.030 18.366  
14.536  -9.065  3 AA_DC4DG5:DC11DG12_BB  A 4 ? B 12 ? A 5 ? B 11 ? 
1 A DG  5 1_555 B DC 4 1_555 A DC 6 1_555 B DG  3 1_555 -0.084 -0.907 3.294 -2.665 -1.349 -51.016 1.146   -0.282  3.262 1.564   
-3.091  -51.098 4 AA_DG5DC6:DG10DC11_BB  A 5 ? B 11 ? A 6 ? B 10 ? 
1 A DC  6 1_555 B DG 3 1_555 A DG 7 1_555 B 5CM 2 1_555 0.130  5.672  4.189 -2.792 2.940  -4.661  -64.500 -10.047 0.522 -29.757 
-28.258 -6.176  5 AA_DC6DG7:5CM9DG10_BB  A 6 ? B 10 ? A 7 ? B 9  ? 
# 
_atom_sites.entry_id                    313D 
_atom_sites.fract_transf_matrix[1][1]   -0.04061944 
_atom_sites.fract_transf_matrix[1][2]   -0.00772690 
_atom_sites.fract_transf_matrix[1][3]   -0.02659802 
_atom_sites.fract_transf_matrix[2][1]   0.01685047 
_atom_sites.fract_transf_matrix[2][2]   -0.02193103 
_atom_sites.fract_transf_matrix[2][3]   -0.01936225 
_atom_sites.fract_transf_matrix[3][1]   -0.00503185 
_atom_sites.fract_transf_matrix[3][2]   -0.01432445 
_atom_sites.fract_transf_matrix[3][3]   0.01184578 
_atom_sites.fract_transf_vector[1]      0.235918 
_atom_sites.fract_transf_vector[2]      0.421425 
_atom_sites.fract_transf_vector[3]      0.257739 
# 
loop_
_atom_type.symbol 
C  
CO 
MG 
N  
O  
P  
# 
loop_
_atom_site.group_PDB 
_atom_site.id 
_atom_site.type_symbol 
_atom_site.label_atom_id 
_atom_site.label_alt_id 
_atom_site.label_comp_id 
_atom_site.label_asym_id 
_atom_site.label_entity_id 
_atom_site.label_seq_id 
_atom_site.pdbx_PDB_ins_code 
_atom_site.Cartn_x 
_atom_site.Cartn_y 
_atom_site.Cartn_z 
_atom_site.occupancy 
_atom_site.B_iso_or_equiv 
_atom_site.pdbx_formal_charge 
_atom_site.auth_seq_id 
_atom_site.auth_comp_id 
_atom_site.auth_asym_id 
_atom_site.auth_atom_id 
_atom_site.pdbx_PDB_model_num 
ATOM   1   O  "O5'" . DG  A 1 1 ? 2.719   10.633  -7.931  1.00 25.66 ? 1  DG  A "O5'" 1 
ATOM   2   C  "C5'" . DG  A 1 1 ? 2.030   11.914  -8.046  1.00 24.84 ? 1  DG  A "C5'" 1 
ATOM   3   C  "C4'" . DG  A 1 1 ? 0.860   12.175  -7.120  1.00 24.37 ? 1  DG  A "C4'" 1 
ATOM   4   O  "O4'" . DG  A 1 1 ? -0.367  11.935  -7.844  1.00 24.30 ? 1  DG  A "O4'" 1 
ATOM   5   C  "C3'" . DG  A 1 1 ? 0.785   11.271  -5.891  1.00 24.04 ? 1  DG  A "C3'" 1 
ATOM   6   O  "O3'" . DG  A 1 1 ? -0.058  11.898  -4.925  1.00 23.61 ? 1  DG  A "O3'" 1 
ATOM   7   C  "C2'" . DG  A 1 1 ? -0.005  10.090  -6.418  1.00 24.04 ? 1  DG  A "C2'" 1 
ATOM   8   C  "C1'" . DG  A 1 1 ? -1.023  10.783  -7.314  1.00 24.06 ? 1  DG  A "C1'" 1 
ATOM   9   N  N9    . DG  A 1 1 ? -1.484  9.971   -8.439  1.00 23.43 ? 1  DG  A N9    1 
ATOM   10  C  C8    . DG  A 1 1 ? -2.777  9.860   -8.896  1.00 23.43 ? 1  DG  A C8    1 
ATOM   11  N  N7    . DG  A 1 1 ? -2.884  9.081   -9.942  1.00 23.15 ? 1  DG  A N7    1 
ATOM   12  C  C5    . DG  A 1 1 ? -1.588  8.655   -10.190 1.00 22.82 ? 1  DG  A C5    1 
ATOM   13  C  C6    . DG  A 1 1 ? -1.090  7.784   -11.174 1.00 22.85 ? 1  DG  A C6    1 
ATOM   14  O  O6    . DG  A 1 1 ? -1.702  7.215   -12.087 1.00 22.89 ? 1  DG  A O6    1 
ATOM   15  N  N1    . DG  A 1 1 ? 0.274   7.585   -11.032 1.00 23.02 ? 1  DG  A N1    1 
ATOM   16  C  C2    . DG  A 1 1 ? 1.067   8.153   -10.065 1.00 23.02 ? 1  DG  A C2    1 
ATOM   17  N  N2    . DG  A 1 1 ? 2.374   7.832   -10.100 1.00 23.09 ? 1  DG  A N2    1 
ATOM   18  N  N3    . DG  A 1 1 ? 0.616   8.972   -9.140  1.00 22.59 ? 1  DG  A N3    1 
ATOM   19  C  C4    . DG  A 1 1 ? -0.711  9.182   -9.262  1.00 23.03 ? 1  DG  A C4    1 
HETATM 20  N  N1    . 5CM A 1 2 ? 1.153   6.663   -5.355  1.00 15.06 ? 2  5CM A N1    1 
HETATM 21  C  C2    . 5CM A 1 2 ? 1.647   5.961   -6.449  1.00 14.96 ? 2  5CM A C2    1 
HETATM 22  N  N3    . 5CM A 1 2 ? 0.813   5.643   -7.467  1.00 14.36 ? 2  5CM A N3    1 
HETATM 23  C  C4    . 5CM A 1 2 ? -0.467  6.004   -7.414  1.00 14.57 ? 2  5CM A C4    1 
HETATM 24  C  C5    . 5CM A 1 2 ? -1.000  6.728   -6.306  1.00 14.81 ? 2  5CM A C5    1 
HETATM 25  C  C5A   . 5CM A 1 2 ? -2.441  7.128   -6.296  1.00 14.65 ? 2  5CM A C5A   1 
HETATM 26  C  C6    . 5CM A 1 2 ? -0.163  7.026   -5.306  1.00 15.14 ? 2  5CM A C6    1 
HETATM 27  O  O2    . 5CM A 1 2 ? 2.844   5.649   -6.468  1.00 14.42 ? 2  5CM A O2    1 
HETATM 28  N  N4    . 5CM A 1 2 ? -1.234  5.661   -8.445  1.00 14.82 ? 2  5CM A N4    1 
HETATM 29  C  "C1'" . 5CM A 1 2 ? 2.074   7.012   -4.263  1.00 15.89 ? 2  5CM A "C1'" 1 
HETATM 30  C  "C2'" . 5CM A 1 2 ? 2.927   8.234   -4.554  1.00 15.96 ? 2  5CM A "C2'" 1 
HETATM 31  C  "C3'" . 5CM A 1 2 ? 3.279   8.680   -3.148  1.00 16.40 ? 2  5CM A "C3'" 1 
HETATM 32  C  "C4'" . 5CM A 1 2 ? 2.033   8.317   -2.328  1.00 17.04 ? 2  5CM A "C4'" 1 
HETATM 33  O  "O4'" . 5CM A 1 2 ? 1.301   7.362   -3.126  1.00 16.52 ? 2  5CM A "O4'" 1 
HETATM 34  O  "O3'" . 5CM A 1 2 ? 4.353   7.827   -2.730  1.00 16.18 ? 2  5CM A "O3'" 1 
HETATM 35  C  "C5'" . 5CM A 1 2 ? 1.116   9.491   -2.092  1.00 18.76 ? 2  5CM A "C5'" 1 
HETATM 36  O  "O5'" . 5CM A 1 2 ? 0.928   10.185  -3.327  1.00 21.38 ? 2  5CM A "O5'" 1 
HETATM 37  P  P     . 5CM A 1 2 ? 0.101   11.535  -3.377  1.00 23.33 ? 2  5CM A P     1 
HETATM 38  O  OP1   . 5CM A 1 2 ? -1.217  11.330  -2.751  1.00 23.40 ? 2  5CM A OP1   1 
HETATM 39  O  OP2   . 5CM A 1 2 ? 1.000   12.611  -2.901  1.00 23.95 ? 2  5CM A OP2   1 
ATOM   40  P  P     . DG  A 1 3 ? 5.513   8.393   -1.775  1.00 15.30 ? 3  DG  A P     1 
ATOM   41  O  OP1   . DG  A 1 3 ? 5.946   9.738   -2.231  1.00 14.51 ? 3  DG  A OP1   1 
ATOM   42  O  OP2   . DG  A 1 3 ? 6.462   7.258   -1.765  1.00 15.32 ? 3  DG  A OP2   1 
ATOM   43  O  "O5'" . DG  A 1 3 ? 4.824   8.496   -0.354  1.00 14.18 ? 3  DG  A "O5'" 1 
ATOM   44  C  "C5'" . DG  A 1 3 ? 4.399   7.319   0.334   1.00 13.73 ? 3  DG  A "C5'" 1 
ATOM   45  C  "C4'" . DG  A 1 3 ? 3.529   7.696   1.511   1.00 13.34 ? 3  DG  A "C4'" 1 
ATOM   46  O  "O4'" . DG  A 1 3 ? 2.330   8.388   1.096   1.00 12.54 ? 3  DG  A "O4'" 1 
ATOM   47  C  "C3'" . DG  A 1 3 ? 3.065   6.469   2.285   1.00 12.67 ? 3  DG  A "C3'" 1 
ATOM   48  O  "O3'" . DG  A 1 3 ? 4.044   6.278   3.315   1.00 12.59 ? 3  DG  A "O3'" 1 
ATOM   49  C  "C2'" . DG  A 1 3 ? 1.717   6.905   2.830   1.00 12.60 ? 3  DG  A "C2'" 1 
ATOM   50  C  "C1'" . DG  A 1 3 ? 1.219   7.963   1.852   1.00 12.53 ? 3  DG  A "C1'" 1 
ATOM   51  N  N9    . DG  A 1 3 ? 0.185   7.541   0.913   1.00 13.12 ? 3  DG  A N9    1 
ATOM   52  C  C8    . DG  A 1 3 ? -1.087  8.057   0.843   1.00 13.79 ? 3  DG  A C8    1 
ATOM   53  N  N7    . DG  A 1 3 ? -1.817  7.504   -0.088  1.00 13.50 ? 3  DG  A N7    1 
ATOM   54  C  C5    . DG  A 1 3 ? -0.981  6.565   -0.674  1.00 13.39 ? 3  DG  A C5    1 
ATOM   55  C  C6    . DG  A 1 3 ? -1.219  5.670   -1.772  1.00 13.44 ? 3  DG  A C6    1 
ATOM   56  O  O6    . DG  A 1 3 ? -2.268  5.508   -2.435  1.00 13.37 ? 3  DG  A O6    1 
ATOM   57  N  N1    . DG  A 1 3 ? -0.084  4.922   -2.071  1.00 12.43 ? 3  DG  A N1    1 
ATOM   58  C  C2    . DG  A 1 3 ? 1.116   5.003   -1.410  1.00 12.83 ? 3  DG  A C2    1 
ATOM   59  N  N2    . DG  A 1 3 ? 2.073   4.180   -1.863  1.00 11.66 ? 3  DG  A N2    1 
ATOM   60  N  N3    . DG  A 1 3 ? 1.349   5.822   -0.387  1.00 12.35 ? 3  DG  A N3    1 
ATOM   61  C  C4    . DG  A 1 3 ? 0.266   6.573   -0.076  1.00 12.94 ? 3  DG  A C4    1 
ATOM   62  P  P     . DC  A 1 4 ? 3.998   4.988   4.269   1.00 12.61 ? 4  DC  A P     1 
ATOM   63  O  OP1   . DC  A 1 4 ? 2.693   4.690   4.855   1.00 13.69 ? 4  DC  A OP1   1 
ATOM   64  O  OP2   . DC  A 1 4 ? 5.139   5.200   5.184   1.00 14.06 ? 4  DC  A OP2   1 
ATOM   65  O  "O5'" . DC  A 1 4 ? 4.432   3.791   3.318   1.00 12.55 ? 4  DC  A "O5'" 1 
ATOM   66  C  "C5'" . DC  A 1 4 ? 4.596   2.459   3.852   1.00 12.40 ? 4  DC  A "C5'" 1 
ATOM   67  C  "C4'" . DC  A 1 4 ? 4.434   1.435   2.752   1.00 12.90 ? 4  DC  A "C4'" 1 
ATOM   68  O  "O4'" . DC  A 1 4 ? 3.017   1.287   2.503   1.00 12.67 ? 4  DC  A "O4'" 1 
ATOM   69  C  "C3'" . DC  A 1 4 ? 5.060   1.849   1.413   1.00 13.78 ? 4  DC  A "C3'" 1 
ATOM   70  O  "O3'" . DC  A 1 4 ? 5.550   0.679   0.742   1.00 15.31 ? 4  DC  A "O3'" 1 
ATOM   71  C  "C2'" . DC  A 1 4 ? 3.876   2.379   0.623   1.00 13.37 ? 4  DC  A "C2'" 1 
ATOM   72  C  "C1'" . DC  A 1 4 ? 2.759   1.490   1.131   1.00 12.64 ? 4  DC  A "C1'" 1 
ATOM   73  N  N1    . DC  A 1 4 ? 1.410   2.040   1.005   1.00 12.73 ? 4  DC  A N1    1 
ATOM   74  C  C2    . DC  A 1 4 ? 0.609   1.591   -0.058  1.00 12.33 ? 4  DC  A C2    1 
ATOM   75  O  O2    . DC  A 1 4 ? 1.090   0.800   -0.874  1.00 12.24 ? 4  DC  A O2    1 
ATOM   76  N  N3    . DC  A 1 4 ? -0.655  2.039   -0.171  1.00 11.89 ? 4  DC  A N3    1 
ATOM   77  C  C4    . DC  A 1 4 ? -1.127  2.919   0.706   1.00 12.41 ? 4  DC  A C4    1 
ATOM   78  N  N4    . DC  A 1 4 ? -2.394  3.344   0.531   1.00 12.28 ? 4  DC  A N4    1 
ATOM   79  C  C5    . DC  A 1 4 ? -0.324  3.415   1.797   1.00 12.59 ? 4  DC  A C5    1 
ATOM   80  C  C6    . DC  A 1 4 ? 0.926   2.952   1.902   1.00 12.66 ? 4  DC  A C6    1 
ATOM   81  P  P     . DG  A 1 5 ? 7.115   0.313   0.792   1.00 16.13 ? 5  DG  A P     1 
ATOM   82  O  OP1   . DG  A 1 5 ? 7.862   1.577   0.596   1.00 17.10 ? 5  DG  A OP1   1 
ATOM   83  O  OP2   . DG  A 1 5 ? 7.352   -0.823  -0.112  1.00 16.70 ? 5  DG  A OP2   1 
ATOM   84  O  "O5'" . DG  A 1 5 ? 7.331   -0.236  2.266   1.00 15.48 ? 5  DG  A "O5'" 1 
ATOM   85  C  "C5'" . DG  A 1 5 ? 6.741   -1.471  2.682   1.00 14.37 ? 5  DG  A "C5'" 1 
ATOM   86  C  "C4'" . DG  A 1 5 ? 6.855   -1.595  4.182   1.00 14.18 ? 5  DG  A "C4'" 1 
ATOM   87  O  "O4'" . DG  A 1 5 ? 6.266   -0.464  4.851   1.00 13.54 ? 5  DG  A "O4'" 1 
ATOM   88  C  "C3'" . DG  A 1 5 ? 6.211   -2.838  4.784   1.00 14.66 ? 5  DG  A "C3'" 1 
ATOM   89  O  "O3'" . DG  A 1 5 ? 7.277   -3.748  5.058   1.00 16.30 ? 5  DG  A "O3'" 1 
ATOM   90  C  "C2'" . DG  A 1 5 ? 5.681   -2.372  6.129   1.00 13.83 ? 5  DG  A "C2'" 1 
ATOM   91  C  "C1'" . DG  A 1 5 ? 5.679   -0.856  6.082   1.00 13.42 ? 5  DG  A "C1'" 1 
ATOM   92  N  N9    . DG  A 1 5 ? 4.353   -0.260  6.141   1.00 13.73 ? 5  DG  A N9    1 
ATOM   93  C  C8    . DG  A 1 5 ? 3.931   0.677   7.050   1.00 13.80 ? 5  DG  A C8    1 
ATOM   94  N  N7    . DG  A 1 5 ? 2.711   1.091   6.834   1.00 13.89 ? 5  DG  A N7    1 
ATOM   95  C  C5    . DG  A 1 5 ? 2.287   0.367   5.727   1.00 13.58 ? 5  DG  A C5    1 
ATOM   96  C  C6    . DG  A 1 5 ? 1.065   0.426   5.007   1.00 13.32 ? 5  DG  A C6    1 
ATOM   97  O  O6    . DG  A 1 5 ? 0.074   1.126   5.226   1.00 13.70 ? 5  DG  A O6    1 
ATOM   98  N  N1    . DG  A 1 5 ? 1.073   -0.440  3.921   1.00 12.79 ? 5  DG  A N1    1 
ATOM   99  C  C2    . DG  A 1 5 ? 2.113   -1.246  3.567   1.00 12.50 ? 5  DG  A C2    1 
ATOM   100 N  N2    . DG  A 1 5 ? 1.903   -1.985  2.498   1.00 11.97 ? 5  DG  A N2    1 
ATOM   101 N  N3    . DG  A 1 5 ? 3.265   -1.316  4.218   1.00 12.66 ? 5  DG  A N3    1 
ATOM   102 C  C4    . DG  A 1 5 ? 3.283   -0.484  5.286   1.00 13.41 ? 5  DG  A C4    1 
ATOM   103 P  P     . DC  A 1 6 ? 7.233   -5.250  4.519   1.00 17.96 ? 6  DC  A P     1 
ATOM   104 O  OP1   . DC  A 1 6 ? 8.088   -6.099  5.357   1.00 18.79 ? 6  DC  A OP1   1 
ATOM   105 O  OP2   . DC  A 1 6 ? 7.484   -5.184  3.050   1.00 18.78 ? 6  DC  A OP2   1 
ATOM   106 O  "O5'" . DC  A 1 6 ? 5.746   -5.752  4.732   1.00 16.79 ? 6  DC  A "O5'" 1 
ATOM   107 C  "C5'" . DC  A 1 6 ? 5.460   -7.153  4.628   1.00 15.50 ? 6  DC  A "C5'" 1 
ATOM   108 C  "C4'" . DC  A 1 6 ? 4.118   -7.350  3.964   1.00 14.48 ? 6  DC  A "C4'" 1 
ATOM   109 O  "O4'" . DC  A 1 6 ? 3.176   -6.766  4.879   1.00 13.85 ? 6  DC  A "O4'" 1 
ATOM   110 C  "C3'" . DC  A 1 6 ? 3.969   -6.585  2.643   1.00 14.76 ? 6  DC  A "C3'" 1 
ATOM   111 O  "O3'" . DC  A 1 6 ? 3.281   -7.413  1.702   1.00 15.96 ? 6  DC  A "O3'" 1 
ATOM   112 C  "C2'" . DC  A 1 6 ? 3.082   -5.407  2.993   1.00 13.84 ? 6  DC  A "C2'" 1 
ATOM   113 C  "C1'" . DC  A 1 6 ? 2.288   -5.947  4.162   1.00 13.19 ? 6  DC  A "C1'" 1 
ATOM   114 N  N1    . DC  A 1 6 ? 1.812   -4.912  5.070   1.00 12.72 ? 6  DC  A N1    1 
ATOM   115 C  C2    . DC  A 1 6 ? 0.535   -4.403  4.861   1.00 12.07 ? 6  DC  A C2    1 
ATOM   116 O  O2    . DC  A 1 6 ? -0.147  -4.881  3.947   1.00 12.15 ? 6  DC  A O2    1 
ATOM   117 N  N3    . DC  A 1 6 ? 0.083   -3.416  5.661   1.00 12.31 ? 6  DC  A N3    1 
ATOM   118 C  C4    . DC  A 1 6 ? 0.854   -2.953  6.647   1.00 11.90 ? 6  DC  A C4    1 
ATOM   119 N  N4    . DC  A 1 6 ? 0.360   -1.986  7.413   1.00 12.44 ? 6  DC  A N4    1 
ATOM   120 C  C5    . DC  A 1 6 ? 2.161   -3.469  6.892   1.00 11.68 ? 6  DC  A C5    1 
ATOM   121 C  C6    . DC  A 1 6 ? 2.593   -4.438  6.088   1.00 12.15 ? 6  DC  A C6    1 
ATOM   122 P  P     . DG  A 1 7 ? 4.094   -8.169  0.550   1.00 16.99 ? 7  DG  A P     1 
ATOM   123 O  OP1   . DG  A 1 7 ? 4.833   -7.179  -0.246  1.00 16.64 ? 7  DG  A OP1   1 
ATOM   124 O  OP2   . DG  A 1 7 ? 3.077   -9.027  -0.108  1.00 17.45 ? 7  DG  A OP2   1 
ATOM   125 O  "O5'" . DG  A 1 7 ? 5.085   -9.124  1.354   1.00 16.42 ? 7  DG  A "O5'" 1 
ATOM   126 C  "C5'" . DG  A 1 7 ? 4.668   -10.435 1.775   1.00 16.13 ? 7  DG  A "C5'" 1 
ATOM   127 C  "C4'" . DG  A 1 7 ? 5.775   -11.124 2.537   1.00 15.59 ? 7  DG  A "C4'" 1 
ATOM   128 O  "O4'" . DG  A 1 7 ? 6.068   -10.346 3.722   1.00 15.55 ? 7  DG  A "O4'" 1 
ATOM   129 C  "C3'" . DG  A 1 7 ? 5.378   -12.517 3.025   1.00 15.98 ? 7  DG  A "C3'" 1 
ATOM   130 O  "O3'" . DG  A 1 7 ? 6.506   -13.376 2.912   1.00 16.88 ? 7  DG  A "O3'" 1 
ATOM   131 C  "C2'" . DG  A 1 7 ? 5.042   -12.316 4.491   1.00 15.75 ? 7  DG  A "C2'" 1 
ATOM   132 C  "C1'" . DG  A 1 7 ? 5.931   -11.148 4.887   1.00 15.72 ? 7  DG  A "C1'" 1 
ATOM   133 N  N9    . DG  A 1 7 ? 5.461   -10.291 5.980   1.00 15.59 ? 7  DG  A N9    1 
ATOM   134 C  C8    . DG  A 1 7 ? 6.235   -9.814  7.012   1.00 15.62 ? 7  DG  A C8    1 
ATOM   135 N  N7    . DG  A 1 7 ? 5.582   -9.045  7.840   1.00 15.81 ? 7  DG  A N7    1 
ATOM   136 C  C5    . DG  A 1 7 ? 4.289   -9.014  7.333   1.00 15.66 ? 7  DG  A C5    1 
ATOM   137 C  C6    . DG  A 1 7 ? 3.138   -8.322  7.795   1.00 15.50 ? 7  DG  A C6    1 
ATOM   138 O  O6    . DG  A 1 7 ? 3.033   -7.552  8.764   1.00 15.46 ? 7  DG  A O6    1 
ATOM   139 N  N1    . DG  A 1 7 ? 2.035   -8.580  6.988   1.00 14.65 ? 7  DG  A N1    1 
ATOM   140 C  C2    . DG  A 1 7 ? 2.034   -9.355  5.866   1.00 14.80 ? 7  DG  A C2    1 
ATOM   141 N  N2    . DG  A 1 7 ? 0.850   -9.443  5.229   1.00 14.63 ? 7  DG  A N2    1 
ATOM   142 N  N3    . DG  A 1 7 ? 3.097   -9.992  5.402   1.00 14.77 ? 7  DG  A N3    1 
ATOM   143 C  C4    . DG  A 1 7 ? 4.188   -9.786  6.186   1.00 15.68 ? 7  DG  A C4    1 
ATOM   144 O  "O5'" . DG  B 1 1 ? -9.990  -3.581  13.444  1.00 27.08 ? 8  DG  B "O5'" 1 
ATOM   145 C  "C5'" . DG  B 1 1 ? -9.580  -4.912  13.049  1.00 26.82 ? 8  DG  B "C5'" 1 
ATOM   146 C  "C4'" . DG  B 1 1 ? -8.988  -5.016  11.659  1.00 26.48 ? 8  DG  B "C4'" 1 
ATOM   147 O  "O4'" . DG  B 1 1 ? -10.043 -5.237  10.702  1.00 26.02 ? 8  DG  B "O4'" 1 
ATOM   148 C  "C3'" . DG  B 1 1 ? -8.310  -3.743  11.179  1.00 26.24 ? 8  DG  B "C3'" 1 
ATOM   149 O  "O3'" . DG  B 1 1 ? -7.732  -4.074  9.919   1.00 26.90 ? 8  DG  B "O3'" 1 
ATOM   150 C  "C2'" . DG  B 1 1 ? -9.523  -2.947  10.762  1.00 25.62 ? 8  DG  B "C2'" 1 
ATOM   151 C  "C1'" . DG  B 1 1 ? -10.200 -4.041  9.954   1.00 24.92 ? 8  DG  B "C1'" 1 
ATOM   152 N  N9    . DG  B 1 1 ? -11.614 -3.863  9.682   1.00 23.99 ? 8  DG  B N9    1 
ATOM   153 C  C8    . DG  B 1 1 ? -12.512 -3.002  10.260  1.00 23.41 ? 8  DG  B C8    1 
ATOM   154 N  N7    . DG  B 1 1 ? -13.702 -3.091  9.731   1.00 23.28 ? 8  DG  B N7    1 
ATOM   155 C  C5    . DG  B 1 1 ? -13.570 -4.075  8.762   1.00 23.20 ? 8  DG  B C5    1 
ATOM   156 C  C6    . DG  B 1 1 ? -14.511 -4.609  7.857   1.00 22.95 ? 8  DG  B C6    1 
ATOM   157 O  O6    . DG  B 1 1 ? -15.692 -4.297  7.728   1.00 23.51 ? 8  DG  B O6    1 
ATOM   158 N  N1    . DG  B 1 1 ? -13.949 -5.597  7.050   1.00 22.83 ? 8  DG  B N1    1 
ATOM   159 C  C2    . DG  B 1 1 ? -12.635 -6.010  7.120   1.00 23.17 ? 8  DG  B C2    1 
ATOM   160 N  N2    . DG  B 1 1 ? -12.227 -6.969  6.293   1.00 23.62 ? 8  DG  B N2    1 
ATOM   161 N  N3    . DG  B 1 1 ? -11.756 -5.513  7.957   1.00 23.11 ? 8  DG  B N3    1 
ATOM   162 C  C4    . DG  B 1 1 ? -12.287 -4.560  8.736   1.00 23.38 ? 8  DG  B C4    1 
HETATM 163 N  N1    . 5CM B 1 2 ? -2.224  -6.007  6.992   1.00 14.86 ? 9  5CM B N1    1 
HETATM 164 C  C2    . 5CM B 1 2 ? -1.087  -6.781  6.760   1.00 14.00 ? 9  5CM B C2    1 
HETATM 165 N  N3    . 5CM B 1 2 ? -0.040  -6.661  7.596   1.00 13.98 ? 9  5CM B N3    1 
HETATM 166 C  C4    . 5CM B 1 2 ? -0.095  -5.821  8.622   1.00 14.25 ? 9  5CM B C4    1 
HETATM 167 C  C5    . 5CM B 1 2 ? -1.256  -5.034  8.892   1.00 14.70 ? 9  5CM B C5    1 
HETATM 168 C  C5A   . 5CM B 1 2 ? -1.296  -4.118  10.077  1.00 15.11 ? 9  5CM B C5A   1 
HETATM 169 C  C6    . 5CM B 1 2 ? -2.281  -5.159  8.054   1.00 14.84 ? 9  5CM B C6    1 
HETATM 170 O  O2    . 5CM B 1 2 ? -1.054  -7.559  5.806   1.00 12.94 ? 9  5CM B O2    1 
HETATM 171 N  N4    . 5CM B 1 2 ? 0.998   -5.737  9.390   1.00 14.53 ? 9  5CM B N4    1 
HETATM 172 C  "C1'" . 5CM B 1 2 ? -3.372  -6.098  6.100   1.00 16.46 ? 9  5CM B "C1'" 1 
HETATM 173 C  "C2'" . 5CM B 1 2 ? -4.460  -6.973  6.694   1.00 17.44 ? 9  5CM B "C2'" 1 
HETATM 174 C  "C3'" . 5CM B 1 2 ? -5.695  -6.391  6.045   1.00 18.03 ? 9  5CM B "C3'" 1 
HETATM 175 C  "C4'" . 5CM B 1 2 ? -5.378  -4.896  6.029   1.00 19.11 ? 9  5CM B "C4'" 1 
HETATM 176 O  "O4'" . 5CM B 1 2 ? -3.941  -4.802  6.013   1.00 17.60 ? 9  5CM B "O4'" 1 
HETATM 177 O  "O3'" . 5CM B 1 2 ? -5.721  -6.904  4.705   1.00 18.03 ? 9  5CM B "O3'" 1 
HETATM 178 C  "C5'" . 5CM B 1 2 ? -5.906  -4.141  7.227   1.00 21.51 ? 9  5CM B "C5'" 1 
HETATM 179 O  "O5'" . 5CM B 1 2 ? -6.016  -5.032  8.346   1.00 25.07 ? 9  5CM B "O5'" 1 
HETATM 180 P  P     . 5CM B 1 2 ? -6.189  -4.471  9.829   1.00 27.25 ? 9  5CM B P     1 
HETATM 181 O  OP1   . 5CM B 1 2 ? -6.001  -5.617  10.745  1.00 27.28 ? 9  5CM B OP1   1 
HETATM 182 O  OP2   . 5CM B 1 2 ? -5.413  -3.194  10.003  1.00 27.51 ? 9  5CM B OP2   1 
ATOM   183 P  P     . DG  B 1 3 ? -7.132  -7.134  3.959   1.00 17.32 ? 10 DG  B P     1 
ATOM   184 O  OP1   . DG  B 1 3 ? -8.023  -7.819  4.916   1.00 17.88 ? 10 DG  B OP1   1 
ATOM   185 O  OP2   . DG  B 1 3 ? -6.762  -7.774  2.667   1.00 17.27 ? 10 DG  B OP2   1 
ATOM   186 O  "O5'" . DG  B 1 3 ? -7.704  -5.679  3.709   1.00 16.31 ? 10 DG  B "O5'" 1 
ATOM   187 C  "C5'" . DG  B 1 3 ? -7.164  -4.894  2.661   1.00 15.31 ? 10 DG  B "C5'" 1 
ATOM   188 C  "C4'" . DG  B 1 3 ? -7.830  -3.542  2.644   1.00 14.30 ? 10 DG  B "C4'" 1 
ATOM   189 O  "O4'" . DG  B 1 3 ? -7.672  -2.937  3.935   1.00 13.83 ? 10 DG  B "O4'" 1 
ATOM   190 C  "C3'" . DG  B 1 3 ? -7.173  -2.602  1.645   1.00 14.18 ? 10 DG  B "C3'" 1 
ATOM   191 O  "O3'" . DG  B 1 3 ? -7.977  -2.749  0.461   1.00 14.65 ? 10 DG  B "O3'" 1 
ATOM   192 C  "C2'" . DG  B 1 3 ? -7.341  -1.248  2.306   1.00 13.99 ? 10 DG  B "C2'" 1 
ATOM   193 C  "C1'" . DG  B 1 3 ? -7.462  -1.546  3.796   1.00 14.02 ? 10 DG  B "C1'" 1 
ATOM   194 N  N9    . DG  B 1 3 ? -6.312  -1.198  4.623   1.00 14.46 ? 10 DG  B N9    1 
ATOM   195 C  C8    . DG  B 1 3 ? -6.335  -0.364  5.716   1.00 15.00 ? 10 DG  B C8    1 
ATOM   196 N  N7    . DG  B 1 3 ? -5.174  -0.255  6.307   1.00 15.21 ? 10 DG  B N7    1 
ATOM   197 C  C5    . DG  B 1 3 ? -4.327  -1.065  5.558   1.00 14.55 ? 10 DG  B C5    1 
ATOM   198 C  C6    . DG  B 1 3 ? -2.989  -1.477  5.823   1.00 14.48 ? 10 DG  B C6    1 
ATOM   199 O  O6    . DG  B 1 3 ? -2.233  -1.098  6.731   1.00 14.68 ? 10 DG  B O6    1 
ATOM   200 N  N1    . DG  B 1 3 ? -2.559  -2.434  4.909   1.00 13.27 ? 10 DG  B N1    1 
ATOM   201 C  C2    . DG  B 1 3 ? -3.316  -2.942  3.884   1.00 12.89 ? 10 DG  B C2    1 
ATOM   202 N  N2    . DG  B 1 3 ? -2.726  -3.850  3.132   1.00 11.55 ? 10 DG  B N2    1 
ATOM   203 N  N3    . DG  B 1 3 ? -4.560  -2.580  3.628   1.00 12.97 ? 10 DG  B N3    1 
ATOM   204 C  C4    . DG  B 1 3 ? -5.007  -1.646  4.500   1.00 14.24 ? 10 DG  B C4    1 
ATOM   205 P  P     . DC  B 1 4 ? -7.558  -2.047  -0.923  1.00 15.73 ? 11 DC  B P     1 
ATOM   206 O  OP1   . DC  B 1 4 ? -7.418  -0.568  -0.819  1.00 16.05 ? 11 DC  B OP1   1 
ATOM   207 O  OP2   . DC  B 1 4 ? -8.552  -2.622  -1.874  1.00 16.42 ? 11 DC  B OP2   1 
ATOM   208 O  "O5'" . DC  B 1 4 ? -6.143  -2.651  -1.330  1.00 14.19 ? 11 DC  B "O5'" 1 
ATOM   209 C  "C5'" . DC  B 1 4 ? -5.493  -2.290  -2.570  1.00 13.32 ? 11 DC  B "C5'" 1 
ATOM   210 C  "C4'" . DC  B 1 4 ? -4.024  -2.660  -2.515  1.00 12.89 ? 11 DC  B "C4'" 1 
ATOM   211 O  "O4'" . DC  B 1 4 ? -3.325  -1.641  -1.768  1.00 12.00 ? 11 DC  B "O4'" 1 
ATOM   212 C  "C3'" . DC  B 1 4 ? -3.732  -3.983  -1.799  1.00 13.27 ? 11 DC  B "C3'" 1 
ATOM   213 O  "O3'" . DC  B 1 4 ? -2.596  -4.647  -2.381  1.00 15.36 ? 11 DC  B "O3'" 1 
ATOM   214 C  "C2'" . DC  B 1 4 ? -3.343  -3.536  -0.406  1.00 12.31 ? 11 DC  B "C2'" 1 
ATOM   215 C  "C1'" . DC  B 1 4 ? -2.607  -2.247  -0.709  1.00 12.04 ? 11 DC  B "C1'" 1 
ATOM   216 N  N1    . DC  B 1 4 ? -2.561  -1.308  0.417   1.00 11.35 ? 11 DC  B N1    1 
ATOM   217 C  C2    . DC  B 1 4 ? -1.407  -1.279  1.222   1.00 11.01 ? 11 DC  B C2    1 
ATOM   218 O  O2    . DC  B 1 4 ? -0.437  -2.005  0.943   1.00 10.71 ? 11 DC  B O2    1 
ATOM   219 N  N3    . DC  B 1 4 ? -1.380  -0.473  2.283   1.00 10.69 ? 11 DC  B N3    1 
ATOM   220 C  C4    . DC  B 1 4 ? -2.428  0.284   2.574   1.00 11.37 ? 11 DC  B C4    1 
ATOM   221 N  N4    . DC  B 1 4 ? -2.359  1.024   3.687   1.00 11.89 ? 11 DC  B N4    1 
ATOM   222 C  C5    . DC  B 1 4 ? -3.600  0.309   1.756   1.00 10.81 ? 11 DC  B C5    1 
ATOM   223 C  C6    . DC  B 1 4 ? -3.621  -0.492  0.698   1.00 11.06 ? 11 DC  B C6    1 
ATOM   224 P  P     . DG  B 1 5 ? -2.793  -5.724  -3.560  1.00 16.35 ? 12 DG  B P     1 
ATOM   225 O  OP1   . DG  B 1 5 ? -3.850  -6.679  -3.158  1.00 17.00 ? 12 DG  B OP1   1 
ATOM   226 O  OP2   . DG  B 1 5 ? -1.440  -6.226  -3.905  1.00 17.38 ? 12 DG  B OP2   1 
ATOM   227 O  "O5'" . DG  B 1 5 ? -3.270  -4.847  -4.800  1.00 15.89 ? 12 DG  B "O5'" 1 
ATOM   228 C  "C5'" . DG  B 1 5 ? -2.351  -3.991  -5.490  1.00 15.20 ? 12 DG  B "C5'" 1 
ATOM   229 C  "C4'" . DG  B 1 5 ? -3.081  -3.183  -6.538  1.00 14.77 ? 12 DG  B "C4'" 1 
ATOM   230 O  "O4'" . DG  B 1 5 ? -4.150  -2.439  -5.930  1.00 14.41 ? 12 DG  B "O4'" 1 
ATOM   231 C  "C3'" . DG  B 1 5 ? -2.159  -2.144  -7.147  1.00 14.98 ? 12 DG  B "C3'" 1 
ATOM   232 O  "O3'" . DG  B 1 5 ? -1.605  -2.706  -8.339  1.00 16.77 ? 12 DG  B "O3'" 1 
ATOM   233 C  "C2'" . DG  B 1 5 ? -3.082  -0.983  -7.460  1.00 14.52 ? 12 DG  B "C2'" 1 
ATOM   234 C  "C1'" . DG  B 1 5 ? -4.282  -1.168  -6.543  1.00 13.73 ? 12 DG  B "C1'" 1 
ATOM   235 N  N9    . DG  B 1 5 ? -4.442  -0.187  -5.480  1.00 13.23 ? 12 DG  B N9    1 
ATOM   236 C  C8    . DG  B 1 5 ? -5.581  0.516   -5.180  1.00 13.34 ? 12 DG  B C8    1 
ATOM   237 N  N7    . DG  B 1 5 ? -5.455  1.284   -4.136  1.00 12.91 ? 12 DG  B N7    1 
ATOM   238 C  C5    . DG  B 1 5 ? -4.139  1.090   -3.725  1.00 13.25 ? 12 DG  B C5    1 
ATOM   239 C  C6    . DG  B 1 5 ? -3.425  1.617   -2.605  1.00 12.56 ? 12 DG  B C6    1 
ATOM   240 O  O6    . DG  B 1 5 ? -3.815  2.400   -1.743  1.00 12.62 ? 12 DG  B O6    1 
ATOM   241 N  N1    . DG  B 1 5 ? -2.131  1.126   -2.548  1.00 12.09 ? 12 DG  B N1    1 
ATOM   242 C  C2    . DG  B 1 5 ? -1.585  0.232   -3.434  1.00 12.19 ? 12 DG  B C2    1 
ATOM   243 N  N2    . DG  B 1 5 ? -0.316  -0.114  -3.228  1.00 11.17 ? 12 DG  B N2    1 
ATOM   244 N  N3    . DG  B 1 5 ? -2.238  -0.285  -4.463  1.00 12.32 ? 12 DG  B N3    1 
ATOM   245 C  C4    . DG  B 1 5 ? -3.497  0.190   -4.553  1.00 13.22 ? 12 DG  B C4    1 
ATOM   246 P  P     . DC  B 1 6 ? -0.007  -2.805  -8.506  1.00 18.16 ? 13 DC  B P     1 
ATOM   247 O  OP1   . DC  B 1 6 ? 0.234   -3.466  -9.812  1.00 18.91 ? 13 DC  B OP1   1 
ATOM   248 O  OP2   . DC  B 1 6 ? 0.537   -3.411  -7.251  1.00 17.37 ? 13 DC  B OP2   1 
ATOM   249 O  "O5'" . DC  B 1 6 ? 0.397   -1.268  -8.663  1.00 17.03 ? 13 DC  B "O5'" 1 
ATOM   250 C  "C5'" . DC  B 1 6 ? 1.573   -0.849  -9.386  1.00 16.02 ? 13 DC  B "C5'" 1 
ATOM   251 C  "C4'" . DC  B 1 6 ? 2.448   0.005   -8.497  1.00 15.18 ? 13 DC  B "C4'" 1 
ATOM   252 O  "O4'" . DC  B 1 6 ? 1.749   1.204   -8.092  1.00 14.69 ? 13 DC  B "O4'" 1 
ATOM   253 C  "C3'" . DC  B 1 6 ? 2.846   -0.715  -7.206  1.00 15.28 ? 13 DC  B "C3'" 1 
ATOM   254 O  "O3'" . DC  B 1 6 ? 4.237   -0.491  -6.937  1.00 15.58 ? 13 DC  B "O3'" 1 
ATOM   255 C  "C2'" . DC  B 1 6 ? 1.994   -0.052  -6.143  1.00 14.51 ? 13 DC  B "C2'" 1 
ATOM   256 C  "C1'" . DC  B 1 6 ? 1.858   1.357   -6.687  1.00 14.06 ? 13 DC  B "C1'" 1 
ATOM   257 N  N1    . DC  B 1 6 ? 0.666   2.077   -6.201  1.00 13.00 ? 13 DC  B N1    1 
ATOM   258 C  C2    . DC  B 1 6 ? 0.761   2.820   -5.026  1.00 12.40 ? 13 DC  B C2    1 
ATOM   259 O  O2    . DC  B 1 6 ? 1.852   2.891   -4.423  1.00 12.07 ? 13 DC  B O2    1 
ATOM   260 N  N3    . DC  B 1 6 ? -0.324  3.457   -4.562  1.00 12.07 ? 13 DC  B N3    1 
ATOM   261 C  C4    . DC  B 1 6 ? -1.466  3.390   -5.219  1.00 11.88 ? 13 DC  B C4    1 
ATOM   262 N  N4    . DC  B 1 6 ? -2.495  4.030   -4.696  1.00 11.77 ? 13 DC  B N4    1 
ATOM   263 C  C5    . DC  B 1 6 ? -1.596  2.660   -6.434  1.00 12.20 ? 13 DC  B C5    1 
ATOM   264 C  C6    . DC  B 1 6 ? -0.516  2.019   -6.879  1.00 12.51 ? 13 DC  B C6    1 
ATOM   265 P  P     . DG  B 1 7 ? 5.310   -1.608  -7.350  1.00 16.46 ? 14 DG  B P     1 
ATOM   266 O  OP1   . DG  B 1 7 ? 4.856   -2.923  -6.804  1.00 15.90 ? 14 DG  B OP1   1 
ATOM   267 O  OP2   . DG  B 1 7 ? 6.674   -1.085  -7.028  1.00 17.22 ? 14 DG  B OP2   1 
ATOM   268 O  "O5'" . DG  B 1 7 ? 5.235   -1.672  -8.939  1.00 15.99 ? 14 DG  B "O5'" 1 
ATOM   269 C  "C5'" . DG  B 1 7 ? 5.916   -0.720  -9.760  1.00 15.53 ? 14 DG  B "C5'" 1 
ATOM   270 C  "C4'" . DG  B 1 7 ? 5.626   -0.992  -11.220 1.00 14.76 ? 14 DG  B "C4'" 1 
ATOM   271 O  "O4'" . DG  B 1 7 ? 4.244   -0.689  -11.498 1.00 14.24 ? 14 DG  B "O4'" 1 
ATOM   272 C  "C3'" . DG  B 1 7 ? 6.441   -0.135  -12.186 1.00 14.89 ? 14 DG  B "C3'" 1 
ATOM   273 O  "O3'" . DG  B 1 7 ? 6.688   -0.998  -13.287 1.00 15.26 ? 14 DG  B "O3'" 1 
ATOM   274 C  "C2'" . DG  B 1 7 ? 5.489   0.991   -12.531 1.00 14.22 ? 14 DG  B "C2'" 1 
ATOM   275 C  "C1'" . DG  B 1 7 ? 4.168   0.255   -12.551 1.00 13.77 ? 14 DG  B "C1'" 1 
ATOM   276 N  N9    . DG  B 1 7 ? 2.971   1.048   -12.330 1.00 13.16 ? 14 DG  B N9    1 
ATOM   277 C  C8    . DG  B 1 7 ? 1.786   0.926   -13.012 1.00 13.27 ? 14 DG  B C8    1 
ATOM   278 N  N7    . DG  B 1 7 ? 0.840   1.686   -12.536 1.00 13.52 ? 14 DG  B N7    1 
ATOM   279 C  C5    . DG  B 1 7 ? 1.445   2.374   -11.488 1.00 13.71 ? 14 DG  B C5    1 
ATOM   280 C  C6    . DG  B 1 7 ? 0.900   3.305   -10.538 1.00 14.17 ? 14 DG  B C6    1 
ATOM   281 O  O6    . DG  B 1 7 ? -0.259  3.725   -10.427 1.00 13.83 ? 14 DG  B O6    1 
ATOM   282 N  N1    . DG  B 1 7 ? 1.867   3.730   -9.635  1.00 14.07 ? 14 DG  B N1    1 
ATOM   283 C  C2    . DG  B 1 7 ? 3.174   3.302   -9.620  1.00 13.88 ? 14 DG  B C2    1 
ATOM   284 N  N2    . DG  B 1 7 ? 3.956   3.838   -8.669  1.00 13.71 ? 14 DG  B N2    1 
ATOM   285 N  N3    . DG  B 1 7 ? 3.681   2.426   -10.464 1.00 12.87 ? 14 DG  B N3    1 
ATOM   286 C  C4    . DG  B 1 7 ? 2.771   2.008   -11.368 1.00 13.69 ? 14 DG  B C4    1 
HETATM 287 MG MG    . MG  C 2 . ? 6.972   5.401   8.854   1.00 20.97 ? 16 MG  A MG    1 
HETATM 288 CO CO    . NCO D 3 . ? 0.172   4.116   7.719   0.90 17.35 ? 15 NCO A CO    1 
HETATM 289 N  N1    . NCO D 3 . ? 0.174   3.925   5.781   0.90 17.14 ? 15 NCO A N1    1 
HETATM 290 N  N2    . NCO D 3 . ? 2.391   4.045   7.465   0.90 16.83 ? 15 NCO A N2    1 
HETATM 291 N  N3    . NCO D 3 . ? 0.134   4.494   9.622   0.90 17.14 ? 15 NCO A N3    1 
HETATM 292 N  N4    . NCO D 3 . ? -1.992  4.033   7.934   0.90 17.33 ? 15 NCO A N4    1 
HETATM 293 N  N5    . NCO D 3 . ? 0.580   5.757   7.181   0.90 17.00 ? 15 NCO A N5    1 
HETATM 294 N  N6    . NCO D 3 . ? 0.046   2.354   8.189   0.90 16.39 ? 15 NCO A N6    1 
HETATM 295 O  O     . HOH E 4 . ? -4.035  5.689   -9.344  1.00 41.86 ? 17 HOH A O     1 
HETATM 296 O  O     . HOH E 4 . ? 1.852   -1.079  9.655   1.00 23.31 ? 21 HOH A O     1 
HETATM 297 O  O     . HOH E 4 . ? -0.816  -7.425  2.103   1.00 37.55 ? 23 HOH A O     1 
HETATM 298 O  O     . HOH E 4 . ? 3.639   0.766   -2.694  1.00 19.00 ? 25 HOH A O     1 
HETATM 299 O  O     . HOH E 4 . ? 6.807   10.286  -4.998  1.00 45.21 ? 28 HOH A O     1 
HETATM 300 O  O     . HOH E 4 . ? 4.884   -5.470  8.587   1.00 19.44 ? 29 HOH A O     1 
HETATM 301 O  O     . HOH E 4 . ? 4.384   -3.146  0.803   1.00 19.77 ? 31 HOH A O     1 
HETATM 302 O  O     . HOH E 4 . ? -2.368  4.761   -12.593 1.00 34.75 ? 32 HOH A O     1 
HETATM 303 O  O     . HOH E 4 . ? 7.564   1.899   6.705   1.00 19.48 ? 37 HOH A O     1 
HETATM 304 O  O     . HOH E 4 . ? 6.881   -4.673  0.738   1.00 30.65 ? 38 HOH A O     1 
HETATM 305 O  O     . HOH E 4 . ? 3.099   -6.185  -2.239  1.00 24.99 ? 39 HOH A O     1 
HETATM 306 O  O     . HOH E 4 . ? 3.301   13.237  -4.399  1.00 37.07 ? 40 HOH A O     1 
HETATM 307 O  O     . HOH E 4 . ? -2.820  1.836   6.780   1.00 24.47 ? 44 HOH A O     1 
HETATM 308 O  O     . HOH E 4 . ? 7.934   4.363   5.034   1.00 26.93 ? 46 HOH A O     1 
HETATM 309 O  O     . HOH E 4 . ? -4.914  9.569   -11.359 1.00 44.14 ? 48 HOH A O     1 
HETATM 310 O  O     . HOH E 4 . ? 7.073   3.538   -1.117  1.00 31.38 ? 50 HOH A O     1 
HETATM 311 O  O     . HOH E 4 . ? -3.209  10.560  -5.006  1.00 50.75 ? 52 HOH A O     1 
HETATM 312 O  O     . HOH E 4 . ? 9.247   1.580   4.554   1.00 34.13 ? 53 HOH A O     1 
HETATM 313 O  O     . HOH E 4 . ? 4.938   4.445   -2.061  1.00 18.12 ? 56 HOH A O     1 
HETATM 314 O  O     . HOH E 4 . ? 7.029   1.951   -3.100  1.00 39.80 ? 57 HOH A O     1 
HETATM 315 O  O     . HOH E 4 . ? 9.838   -5.279  9.443   1.00 45.27 ? 59 HOH A O     1 
HETATM 316 O  O     . HOH E 4 . ? 4.986   -5.290  -3.518  1.00 24.44 ? 61 HOH A O     1 
HETATM 317 O  O     . HOH E 4 . ? 8.045   6.333   -3.551  1.00 41.88 ? 62 HOH A O     1 
HETATM 318 O  O     . HOH E 4 . ? 11.284  6.246   -2.690  1.00 49.70 ? 64 HOH A O     1 
HETATM 319 O  O     . HOH E 4 . ? -3.348  8.153   -2.937  1.00 41.00 ? 65 HOH A O     1 
HETATM 320 O  O     . HOH E 4 . ? 8.815   6.081   9.804   1.00 21.04 ? 66 HOH A O     1 
HETATM 321 O  O     . HOH E 4 . ? 5.488   4.082   7.695   1.00 21.70 ? 67 HOH A O     1 
HETATM 322 O  O     . HOH E 4 . ? 9.211   4.247   8.276   1.00 22.51 ? 68 HOH A O     1 
HETATM 323 O  O     . HOH E 4 . ? 5.343   6.171   9.932   1.00 22.52 ? 69 HOH A O     1 
HETATM 324 O  O     . HOH E 4 . ? 7.134   4.302   10.484  1.00 21.70 ? 70 HOH A O     1 
HETATM 325 O  O     . HOH E 4 . ? 7.145   7.049   7.560   1.00 22.02 ? 71 HOH A O     1 
HETATM 326 O  O     . HOH F 4 . ? -5.103  4.229   -5.875  1.00 45.71 ? 18 HOH B O     1 
HETATM 327 O  O     . HOH F 4 . ? -4.832  -7.284  -9.117  1.00 48.61 ? 19 HOH B O     1 
HETATM 328 O  O     . HOH F 4 . ? -5.022  2.495   4.028   1.00 35.84 ? 20 HOH B O     1 
HETATM 329 O  O     . HOH F 4 . ? 2.653   -3.680  11.038  1.00 41.11 ? 22 HOH B O     1 
HETATM 330 O  O     . HOH F 4 . ? 4.634   3.796   -4.598  1.00 23.30 ? 24 HOH B O     1 
HETATM 331 O  O     . HOH F 4 . ? 1.624   -3.256  -1.098  1.00 56.42 ? 26 HOH B O     1 
HETATM 332 O  O     . HOH F 4 . ? -0.017  -4.739  0.604   1.00 27.50 ? 27 HOH B O     1 
HETATM 333 O  O     . HOH F 4 . ? 7.645   -3.988  -14.172 1.00 47.86 ? 30 HOH B O     1 
HETATM 334 O  O     . HOH F 4 . ? -1.969  1.089   -12.972 1.00 42.18 ? 33 HOH B O     1 
HETATM 335 O  O     . HOH F 4 . ? -6.181  1.555   -0.498  1.00 23.01 ? 34 HOH B O     1 
HETATM 336 O  O     . HOH F 4 . ? -1.580  -0.870  -10.447 1.00 38.74 ? 35 HOH B O     1 
HETATM 337 O  O     . HOH F 4 . ? -1.340  -5.892  -9.061  1.00 39.02 ? 36 HOH B O     1 
HETATM 338 O  O     . HOH F 4 . ? -1.796  1.735   -9.648  1.00 32.46 ? 41 HOH B O     1 
HETATM 339 O  O     . HOH F 4 . ? 7.068   0.515   -15.192 1.00 31.30 ? 42 HOH B O     1 
HETATM 340 O  O     . HOH F 4 . ? -6.687  4.335   -2.911  1.00 48.45 ? 43 HOH B O     1 
HETATM 341 O  O     . HOH F 4 . ? -6.815  -3.977  -5.469  1.00 30.89 ? 45 HOH B O     1 
HETATM 342 O  O     . HOH F 4 . ? -4.293  -0.905  -10.837 1.00 35.59 ? 47 HOH B O     1 
HETATM 343 O  O     . HOH F 4 . ? -19.470 -3.639  6.707   1.00 36.73 ? 49 HOH B O     1 
HETATM 344 O  O     . HOH F 4 . ? 4.089   -2.795  -3.511  1.00 32.93 ? 51 HOH B O     1 
HETATM 345 O  O     . HOH F 4 . ? -3.688  -6.128  1.351   1.00 24.67 ? 54 HOH B O     1 
HETATM 346 O  O     . HOH F 4 . ? 1.148   -2.703  -4.436  1.00 20.81 ? 55 HOH B O     1 
HETATM 347 O  O     . HOH F 4 . ? -5.763  -9.784  -3.326  1.00 18.18 ? 58 HOH B O     1 
HETATM 348 O  O     . HOH F 4 . ? -11.046 -2.688  -1.277  1.00 27.47 ? 60 HOH B O     1 
HETATM 349 O  O     . HOH F 4 . ? 8.874   0.876   -5.446  1.00 55.01 ? 63 HOH B O     1 
# 
